data_8SD0
#
_entry.id   8SD0
#
_cell.length_a   1.00
_cell.length_b   1.00
_cell.length_c   1.00
_cell.angle_alpha   90.00
_cell.angle_beta   90.00
_cell.angle_gamma   90.00
#
_symmetry.space_group_name_H-M   'P 1'
#
loop_
_entity.id
_entity.type
_entity.pdbx_description
1 polymer 'Antiviral innate immune response receptor RIG-I'
2 polymer p3SLR14
3 non-polymer 'ZINC ION'
#
loop_
_entity_poly.entity_id
_entity_poly.type
_entity_poly.pdbx_seq_one_letter_code
_entity_poly.pdbx_strand_id
1 'polypeptide(L)'
;MTTEQRRSLQAFQDYIRKTLDPTYILSYMAPWFREEEVQYIQAEKNNKGPMEAATLFLKFLLELQEEGWFRGFLDALDHA
GYSGLYEAIESWDFKKIEKLEEYRLLLKRLQPEFKTRIIPTDIISDLSECLINQECEEILQICSTKGMMAGAEKLVECLL
RSDKENWPKTLKLALEKERNKFSELWIVEKGIKDVETEDLEDKMETSDIQIFYQEDPECQNLSENSCPPSEVSDTNLYSP
FKPRNYQLELALPAMKGKNTIICAPTGCGKTFVSLLICEHHLKKFPQGQKGKVVFFANQIPVYEQQKSVFSKYFERHGYR
VTGISGATAENVPVEQIVENNDIIILTPQILVNNLKKGTIPSLSIFTLMIFDECHNTSKQHPYNMIMFNYLDQKLGGSSG
PLPQVIGLTASVGVGDAKNTDEALDYICKLCASLDASVIATVKHNLEELEQVVYKPQKFFRKVESRISDKFKYIIAQLMR
DTESLAKRICKDLENLSQIQNREFGTQKYEQWIVTVQKACMVFQMPDKDEESRICKALFLYTSHLRKYNDALIISEHARM
KDALDYLKDFFSNVRAAGFDEIEQDLTQRFEEKLQELESVSRDPSNENPKLEDLCFILQEEYHLNPETITILFVKTRALV
DALKNWIEGNPKLSFLKPGILTGRGKTNQNTGMTLPAQKCILDAFKASGDHNILIATSVADEGIDIAQCNLVILYEYVGN
VIKMIQTRGRGRARGSKCFLLTSNAGVIEKEQINMYKEKMMNDSILRLQTWDEAVFREKILHIQTHEKFIRDSQEKPKPV
PDKENKKLLCRKCKALACYTADVRVIEECHYTVLGDAFKECFVSRPHPKPKQFSSFEKRAKIFCARQNCSHDWGIHVKYK
TFEIPVIKIESFVVEDIATGVQTLYSKWKDFHFEKIPFDPAEMSK
;
A
2 'polyribonucleotide' (GTP)GAUCGAUCGAUCGUUCGCGAUCGAUCGAUCC B
#
# COMPACT_ATOMS: atom_id res chain seq x y z
N LYS A 242 -33.80 -11.99 9.80
CA LYS A 242 -34.02 -12.78 11.01
C LYS A 242 -32.69 -13.27 11.58
N PRO A 243 -32.36 -12.82 12.80
CA PRO A 243 -31.14 -13.30 13.44
C PRO A 243 -31.25 -14.77 13.82
N ARG A 244 -30.10 -15.44 13.83
CA ARG A 244 -30.01 -16.84 14.20
C ARG A 244 -29.21 -16.97 15.50
N ASN A 245 -29.06 -18.21 15.96
CA ASN A 245 -28.38 -18.45 17.23
C ASN A 245 -26.90 -18.15 17.14
N TYR A 246 -26.30 -18.31 15.95
CA TYR A 246 -24.88 -18.00 15.78
C TYR A 246 -24.64 -16.50 15.91
N GLN A 247 -25.55 -15.67 15.37
CA GLN A 247 -25.47 -14.22 15.56
C GLN A 247 -25.54 -13.85 17.04
N LEU A 248 -26.48 -14.44 17.78
CA LEU A 248 -26.65 -14.08 19.18
C LEU A 248 -25.49 -14.57 20.02
N GLU A 249 -24.93 -15.74 19.70
CA GLU A 249 -23.77 -16.24 20.41
C GLU A 249 -22.55 -15.36 20.15
N LEU A 250 -22.41 -14.85 18.92
CA LEU A 250 -21.34 -13.89 18.65
C LEU A 250 -21.55 -12.58 19.37
N ALA A 251 -22.80 -12.12 19.45
CA ALA A 251 -23.10 -10.81 20.01
C ALA A 251 -23.23 -10.81 21.54
N LEU A 252 -23.23 -11.99 22.16
CA LEU A 252 -23.44 -12.11 23.62
C LEU A 252 -22.49 -11.29 24.50
N PRO A 253 -21.14 -11.30 24.34
CA PRO A 253 -20.31 -10.63 25.37
C PRO A 253 -20.34 -9.11 25.28
N ALA A 254 -20.36 -8.55 24.06
CA ALA A 254 -20.47 -7.11 23.93
C ALA A 254 -21.87 -6.60 24.25
N MET A 255 -22.85 -7.50 24.33
CA MET A 255 -24.18 -7.13 24.78
C MET A 255 -24.16 -6.65 26.23
N LYS A 256 -23.34 -7.27 27.06
CA LYS A 256 -23.32 -6.95 28.49
C LYS A 256 -22.74 -5.56 28.75
N GLY A 257 -21.93 -5.03 27.84
CA GLY A 257 -21.39 -3.69 28.01
C GLY A 257 -19.89 -3.66 28.13
N LYS A 258 -19.21 -4.64 27.54
CA LYS A 258 -17.76 -4.73 27.58
C LYS A 258 -17.22 -4.86 26.17
N ASN A 259 -15.97 -4.40 25.99
CA ASN A 259 -15.36 -4.37 24.67
C ASN A 259 -14.96 -5.76 24.21
N THR A 260 -15.16 -6.03 22.92
CA THR A 260 -14.93 -7.35 22.36
C THR A 260 -14.11 -7.26 21.08
N ILE A 261 -13.61 -8.41 20.64
CA ILE A 261 -12.77 -8.59 19.46
C ILE A 261 -13.51 -9.57 18.55
N ILE A 262 -14.84 -9.38 18.43
CA ILE A 262 -15.74 -10.25 17.68
C ILE A 262 -15.20 -10.57 16.29
N CYS A 263 -15.02 -11.86 16.00
CA CYS A 263 -14.37 -12.30 14.77
C CYS A 263 -15.25 -13.31 14.05
N ALA A 264 -15.95 -12.84 13.01
CA ALA A 264 -16.73 -13.69 12.14
C ALA A 264 -16.16 -13.64 10.72
N PRO A 265 -16.01 -14.79 10.06
CA PRO A 265 -15.33 -14.77 8.75
C PRO A 265 -16.15 -14.17 7.63
N THR A 266 -17.46 -14.39 7.62
CA THR A 266 -18.30 -13.90 6.53
C THR A 266 -18.59 -12.41 6.69
N GLY A 267 -18.65 -11.70 5.56
CA GLY A 267 -18.94 -10.28 5.59
C GLY A 267 -20.36 -9.98 6.01
N CYS A 268 -21.32 -10.78 5.51
CA CYS A 268 -22.72 -10.60 5.88
C CYS A 268 -22.93 -10.81 7.38
N GLY A 269 -22.26 -11.82 7.94
CA GLY A 269 -22.33 -12.03 9.37
C GLY A 269 -21.75 -10.88 10.16
N LYS A 270 -20.63 -10.31 9.69
CA LYS A 270 -20.01 -9.17 10.35
C LYS A 270 -20.94 -7.96 10.35
N THR A 271 -21.56 -7.68 9.19
CA THR A 271 -22.52 -6.58 9.11
C THR A 271 -23.69 -6.83 10.04
N PHE A 272 -24.14 -8.08 10.14
CA PHE A 272 -25.32 -8.36 10.95
C PHE A 272 -25.03 -8.24 12.44
N VAL A 273 -23.84 -8.69 12.90
CA VAL A 273 -23.55 -8.58 14.33
C VAL A 273 -23.33 -7.12 14.70
N SER A 274 -22.67 -6.34 13.82
CA SER A 274 -22.50 -4.92 14.09
C SER A 274 -23.85 -4.20 14.11
N LEU A 275 -24.76 -4.60 13.21
CA LEU A 275 -26.09 -4.00 13.16
C LEU A 275 -26.89 -4.31 14.43
N LEU A 276 -26.84 -5.56 14.89
CA LEU A 276 -27.55 -5.93 16.11
C LEU A 276 -26.99 -5.21 17.33
N ILE A 277 -25.65 -5.09 17.40
CA ILE A 277 -25.02 -4.39 18.51
C ILE A 277 -25.42 -2.92 18.51
N CYS A 278 -25.45 -2.29 17.33
CA CYS A 278 -25.89 -0.91 17.24
C CYS A 278 -27.35 -0.76 17.66
N GLU A 279 -28.21 -1.68 17.21
CA GLU A 279 -29.64 -1.61 17.52
C GLU A 279 -29.87 -1.69 19.02
N HIS A 280 -29.22 -2.65 19.69
CA HIS A 280 -29.50 -2.79 21.11
C HIS A 280 -28.72 -1.79 21.94
N HIS A 281 -27.69 -1.14 21.37
CA HIS A 281 -27.05 -0.07 22.10
C HIS A 281 -27.89 1.20 22.06
N LEU A 282 -28.53 1.49 20.93
CA LEU A 282 -29.44 2.62 20.88
C LEU A 282 -30.77 2.35 21.60
N LYS A 283 -31.21 1.09 21.66
CA LYS A 283 -32.49 0.81 22.31
C LYS A 283 -32.39 0.82 23.83
N LYS A 284 -31.23 0.50 24.40
CA LYS A 284 -31.13 0.36 25.85
C LYS A 284 -31.05 1.70 26.58
N PHE A 285 -30.81 2.79 25.86
CA PHE A 285 -30.66 4.09 26.50
C PHE A 285 -32.01 4.60 27.00
N PRO A 286 -32.11 5.07 28.25
CA PRO A 286 -33.36 5.67 28.72
C PRO A 286 -33.61 7.05 28.14
N GLN A 287 -34.73 7.66 28.49
CA GLN A 287 -35.14 8.92 27.88
C GLN A 287 -34.21 10.06 28.29
N GLY A 288 -33.95 10.97 27.35
CA GLY A 288 -33.10 12.10 27.57
C GLY A 288 -31.65 11.90 27.19
N GLN A 289 -31.22 10.65 27.09
CA GLN A 289 -29.86 10.32 26.68
C GLN A 289 -29.88 9.67 25.30
N LYS A 290 -28.91 10.05 24.46
CA LYS A 290 -28.86 9.59 23.08
C LYS A 290 -27.48 9.05 22.77
N GLY A 291 -27.44 7.97 22.01
CA GLY A 291 -26.18 7.36 21.62
C GLY A 291 -25.57 8.02 20.39
N LYS A 292 -24.26 7.86 20.26
CA LYS A 292 -23.46 8.49 19.21
C LYS A 292 -22.50 7.47 18.60
N VAL A 293 -23.03 6.32 18.19
CA VAL A 293 -22.20 5.23 17.68
C VAL A 293 -21.51 5.65 16.39
N VAL A 294 -20.21 5.39 16.32
CA VAL A 294 -19.41 5.66 15.13
C VAL A 294 -18.88 4.33 14.60
N PHE A 295 -19.11 4.10 13.31
CA PHE A 295 -18.63 2.92 12.60
C PHE A 295 -17.46 3.34 11.72
N PHE A 296 -16.34 2.66 11.88
CA PHE A 296 -15.13 2.97 11.12
C PHE A 296 -14.97 1.97 9.99
N ALA A 297 -14.85 2.49 8.77
CA ALA A 297 -14.58 1.68 7.59
C ALA A 297 -13.36 2.23 6.90
N ASN A 298 -12.41 1.36 6.56
CA ASN A 298 -11.14 1.79 6.02
C ASN A 298 -11.15 1.95 4.51
N GLN A 299 -12.14 1.40 3.82
CA GLN A 299 -12.22 1.48 2.37
C GLN A 299 -13.48 2.24 1.95
N ILE A 300 -13.37 2.98 0.85
CA ILE A 300 -14.53 3.71 0.32
C ILE A 300 -15.67 2.80 -0.11
N PRO A 301 -15.45 1.72 -0.89
CA PRO A 301 -16.61 0.86 -1.24
C PRO A 301 -17.27 0.19 -0.04
N VAL A 302 -16.48 -0.24 0.95
CA VAL A 302 -17.12 -0.81 2.13
C VAL A 302 -17.79 0.28 2.96
N TYR A 303 -17.31 1.53 2.88
CA TYR A 303 -18.01 2.63 3.52
C TYR A 303 -19.37 2.86 2.88
N GLU A 304 -19.41 2.83 1.53
CA GLU A 304 -20.69 2.92 0.82
C GLU A 304 -21.63 1.80 1.22
N GLN A 305 -21.11 0.57 1.29
CA GLN A 305 -21.96 -0.57 1.63
C GLN A 305 -22.51 -0.46 3.05
N GLN A 306 -21.66 -0.12 4.02
CA GLN A 306 -22.10 0.00 5.41
C GLN A 306 -23.09 1.15 5.58
N LYS A 307 -22.83 2.29 4.94
CA LYS A 307 -23.76 3.41 5.02
C LYS A 307 -25.10 3.04 4.38
N SER A 308 -25.07 2.26 3.30
CA SER A 308 -26.31 1.84 2.65
C SER A 308 -27.13 0.93 3.56
N VAL A 309 -26.50 -0.08 4.16
CA VAL A 309 -27.28 -1.03 4.96
C VAL A 309 -27.76 -0.35 6.24
N PHE A 310 -26.93 0.51 6.84
CA PHE A 310 -27.34 1.21 8.06
C PHE A 310 -28.47 2.19 7.76
N SER A 311 -28.41 2.91 6.64
CA SER A 311 -29.49 3.83 6.30
C SER A 311 -30.72 3.11 5.79
N LYS A 312 -30.60 1.82 5.43
CA LYS A 312 -31.79 1.06 5.07
C LYS A 312 -32.47 0.47 6.29
N TYR A 313 -31.69 0.02 7.29
CA TYR A 313 -32.28 -0.58 8.47
C TYR A 313 -32.64 0.45 9.54
N PHE A 314 -31.73 1.39 9.81
CA PHE A 314 -31.96 2.41 10.83
C PHE A 314 -32.65 3.63 10.23
N GLU A 315 -33.77 3.38 9.57
CA GLU A 315 -34.53 4.40 8.87
C GLU A 315 -35.94 4.57 9.43
N ARG A 316 -36.65 3.47 9.65
CA ARG A 316 -38.00 3.54 10.20
C ARG A 316 -38.00 3.71 11.72
N HIS A 317 -36.85 3.63 12.37
CA HIS A 317 -36.75 3.68 13.82
C HIS A 317 -36.59 5.10 14.35
N GLY A 318 -36.66 6.10 13.49
CA GLY A 318 -36.44 7.47 13.92
C GLY A 318 -35.00 7.75 14.33
N TYR A 319 -34.04 7.15 13.63
CA TYR A 319 -32.63 7.35 13.89
C TYR A 319 -32.00 8.10 12.73
N ARG A 320 -31.12 9.05 13.04
CA ARG A 320 -30.47 9.88 12.05
C ARG A 320 -29.10 9.29 11.73
N VAL A 321 -28.85 9.00 10.46
CA VAL A 321 -27.59 8.40 10.02
C VAL A 321 -27.09 9.14 8.78
N THR A 322 -25.84 9.62 8.85
CA THR A 322 -25.10 10.13 7.70
C THR A 322 -23.69 9.52 7.74
N GLY A 323 -22.84 9.97 6.83
CA GLY A 323 -21.46 9.50 6.78
C GLY A 323 -20.58 10.57 6.18
N ILE A 324 -19.29 10.48 6.49
CA ILE A 324 -18.30 11.45 6.04
C ILE A 324 -17.21 10.70 5.28
N SER A 325 -16.63 11.36 4.27
CA SER A 325 -15.51 10.81 3.52
C SER A 325 -14.64 11.96 3.01
N GLY A 326 -13.64 11.61 2.21
CA GLY A 326 -12.74 12.62 1.68
C GLY A 326 -13.41 13.57 0.70
N ALA A 327 -14.36 13.06 -0.07
CA ALA A 327 -15.12 13.87 -1.01
C ALA A 327 -16.37 14.48 -0.41
N THR A 328 -16.43 14.59 0.92
CA THR A 328 -17.63 15.10 1.59
C THR A 328 -17.22 16.12 2.66
N ALA A 329 -15.99 16.01 3.15
CA ALA A 329 -15.56 16.75 4.33
C ALA A 329 -14.81 18.04 3.99
N GLU A 330 -15.16 18.73 2.91
CA GLU A 330 -14.52 19.99 2.57
C GLU A 330 -15.40 21.15 3.05
N ASN A 331 -14.85 21.95 3.97
CA ASN A 331 -15.50 23.13 4.55
C ASN A 331 -16.88 22.81 5.13
N VAL A 332 -16.97 21.64 5.78
CA VAL A 332 -18.23 21.15 6.34
C VAL A 332 -18.05 21.05 7.85
N PRO A 333 -18.97 21.58 8.66
CA PRO A 333 -18.78 21.57 10.12
C PRO A 333 -18.96 20.19 10.74
N VAL A 334 -17.85 19.43 10.81
CA VAL A 334 -17.87 18.07 11.35
C VAL A 334 -18.38 18.06 12.79
N GLU A 335 -18.07 19.11 13.55
CA GLU A 335 -18.61 19.23 14.91
C GLU A 335 -20.13 19.34 14.90
N GLN A 336 -20.67 20.07 13.92
CA GLN A 336 -22.13 20.18 13.81
C GLN A 336 -22.77 18.85 13.44
N ILE A 337 -22.09 18.05 12.61
CA ILE A 337 -22.61 16.73 12.28
C ILE A 337 -22.58 15.82 13.50
N VAL A 338 -21.43 15.78 14.19
CA VAL A 338 -21.27 14.88 15.32
C VAL A 338 -22.24 15.23 16.45
N GLU A 339 -22.40 16.52 16.73
CA GLU A 339 -23.34 16.96 17.75
C GLU A 339 -24.80 16.76 17.34
N ASN A 340 -25.07 16.48 16.07
CA ASN A 340 -26.44 16.34 15.56
C ASN A 340 -26.60 15.08 14.72
N ASN A 341 -25.96 13.98 15.13
CA ASN A 341 -26.16 12.70 14.46
C ASN A 341 -25.89 11.60 15.46
N ASP A 342 -26.31 10.39 15.12
CA ASP A 342 -26.15 9.29 16.06
C ASP A 342 -25.34 8.12 15.50
N ILE A 343 -25.47 7.85 14.20
CA ILE A 343 -24.86 6.66 13.60
C ILE A 343 -23.93 7.12 12.47
N ILE A 344 -23.08 8.11 12.74
CA ILE A 344 -22.08 8.50 11.75
C ILE A 344 -21.20 7.31 11.37
N ILE A 345 -20.95 7.16 10.08
CA ILE A 345 -20.14 6.06 9.57
C ILE A 345 -18.89 6.69 8.98
N LEU A 346 -18.22 7.50 9.78
CA LEU A 346 -17.02 8.20 9.35
C LEU A 346 -15.76 7.33 9.33
N THR A 347 -14.97 7.54 8.29
CA THR A 347 -13.70 6.86 8.06
C THR A 347 -12.64 7.36 9.02
N PRO A 348 -11.69 6.49 9.44
CA PRO A 348 -10.85 6.83 10.60
C PRO A 348 -9.88 7.98 10.39
N GLN A 349 -9.39 8.19 9.16
CA GLN A 349 -8.44 9.26 8.90
C GLN A 349 -9.07 10.63 9.13
N ILE A 350 -10.38 10.74 8.90
CA ILE A 350 -11.10 11.97 9.21
C ILE A 350 -11.06 12.26 10.70
N LEU A 351 -11.29 11.23 11.53
CA LEU A 351 -11.26 11.43 12.97
C LEU A 351 -9.86 11.75 13.46
N VAL A 352 -8.84 11.13 12.86
CA VAL A 352 -7.46 11.44 13.23
C VAL A 352 -7.12 12.89 12.89
N ASN A 353 -7.51 13.33 11.69
CA ASN A 353 -7.27 14.71 11.27
C ASN A 353 -8.00 15.70 12.17
N ASN A 354 -9.25 15.38 12.53
CA ASN A 354 -10.03 16.28 13.39
C ASN A 354 -9.45 16.35 14.80
N LEU A 355 -9.05 15.19 15.35
CA LEU A 355 -8.48 15.17 16.69
C LEU A 355 -7.14 15.90 16.73
N LYS A 356 -6.35 15.80 15.66
CA LYS A 356 -5.11 16.58 15.60
C LYS A 356 -5.39 18.07 15.40
N LYS A 357 -6.48 18.40 14.70
CA LYS A 357 -6.77 19.80 14.40
C LYS A 357 -7.24 20.55 15.64
N GLY A 358 -8.15 19.96 16.41
CA GLY A 358 -8.69 20.61 17.58
C GLY A 358 -10.18 20.42 17.73
N THR A 359 -10.88 20.27 16.60
CA THR A 359 -12.29 19.95 16.60
C THR A 359 -12.50 18.55 17.20
N ILE A 360 -13.65 18.37 17.87
CA ILE A 360 -13.98 17.18 18.65
C ILE A 360 -12.87 16.94 19.66
N PRO A 361 -12.78 17.74 20.72
CA PRO A 361 -11.61 17.67 21.62
C PRO A 361 -11.54 16.38 22.41
N SER A 362 -12.63 16.01 23.07
CA SER A 362 -12.68 14.79 23.85
C SER A 362 -13.26 13.65 23.02
N LEU A 363 -12.77 12.45 23.29
CA LEU A 363 -13.26 11.26 22.59
C LEU A 363 -14.50 10.67 23.26
N SER A 364 -14.97 11.28 24.35
CA SER A 364 -16.14 10.79 25.06
C SER A 364 -17.46 11.25 24.45
N ILE A 365 -17.40 12.00 23.35
CA ILE A 365 -18.62 12.43 22.66
C ILE A 365 -19.37 11.21 22.11
N PHE A 366 -18.64 10.26 21.54
CA PHE A 366 -19.24 9.02 21.08
C PHE A 366 -19.55 8.11 22.26
N THR A 367 -20.27 7.02 21.98
CA THR A 367 -20.55 6.01 22.99
C THR A 367 -20.34 4.58 22.51
N LEU A 368 -20.09 4.36 21.23
CA LEU A 368 -19.88 3.00 20.71
C LEU A 368 -19.03 3.10 19.45
N MET A 369 -17.78 2.66 19.53
CA MET A 369 -16.89 2.64 18.39
C MET A 369 -16.86 1.24 17.82
N ILE A 370 -17.38 1.06 16.61
CA ILE A 370 -17.35 -0.24 15.96
C ILE A 370 -16.28 -0.16 14.86
N PHE A 371 -15.17 -0.84 15.10
CA PHE A 371 -14.11 -0.95 14.11
C PHE A 371 -14.38 -2.13 13.18
N ASP A 372 -14.49 -1.85 11.89
CA ASP A 372 -14.59 -2.92 10.90
C ASP A 372 -13.19 -3.28 10.42
N GLU A 373 -12.90 -4.59 10.40
CA GLU A 373 -11.57 -5.13 10.11
C GLU A 373 -10.53 -4.53 11.05
N CYS A 374 -10.73 -4.80 12.34
CA CYS A 374 -9.95 -4.15 13.39
C CYS A 374 -8.55 -4.71 13.55
N HIS A 375 -8.20 -5.79 12.86
CA HIS A 375 -6.87 -6.39 12.99
C HIS A 375 -5.79 -5.55 12.33
N ASN A 376 -6.15 -4.50 11.59
CA ASN A 376 -5.16 -3.59 11.01
C ASN A 376 -4.49 -2.69 12.03
N THR A 377 -4.96 -2.70 13.28
CA THR A 377 -4.40 -1.88 14.35
C THR A 377 -3.07 -2.47 14.81
N SER A 378 -2.01 -2.10 14.10
CA SER A 378 -0.68 -2.60 14.42
C SER A 378 0.26 -1.52 14.93
N LYS A 379 0.50 -0.46 14.13
CA LYS A 379 1.41 0.60 14.48
C LYS A 379 1.20 1.82 13.59
N GLN A 380 0.96 2.98 14.21
CA GLN A 380 0.79 4.28 13.53
C GLN A 380 -0.38 4.30 12.54
N HIS A 381 -1.23 3.27 12.58
CA HIS A 381 -2.40 3.20 11.73
C HIS A 381 -3.44 4.23 12.21
N PRO A 382 -4.37 4.64 11.34
CA PRO A 382 -5.47 5.49 11.82
C PRO A 382 -6.28 4.88 12.96
N TYR A 383 -6.52 3.57 12.93
CA TYR A 383 -7.12 2.90 14.07
C TYR A 383 -6.22 3.01 15.30
N ASN A 384 -4.91 2.83 15.10
CA ASN A 384 -4.00 2.93 16.23
C ASN A 384 -3.84 4.37 16.71
N MET A 385 -4.02 5.35 15.83
CA MET A 385 -3.98 6.75 16.28
C MET A 385 -5.22 7.08 17.11
N ILE A 386 -6.38 6.59 16.68
CA ILE A 386 -7.60 6.73 17.48
C ILE A 386 -7.43 6.05 18.84
N MET A 387 -6.84 4.87 18.85
CA MET A 387 -6.61 4.16 20.11
C MET A 387 -5.56 4.86 20.97
N PHE A 388 -4.58 5.54 20.35
CA PHE A 388 -3.62 6.32 21.12
C PHE A 388 -4.30 7.47 21.84
N ASN A 389 -5.18 8.19 21.13
CA ASN A 389 -5.92 9.27 21.78
C ASN A 389 -6.86 8.73 22.86
N TYR A 390 -7.50 7.59 22.59
CA TYR A 390 -8.39 6.96 23.56
C TYR A 390 -7.64 6.56 24.82
N LEU A 391 -6.44 5.97 24.68
CA LEU A 391 -5.69 5.54 25.85
C LEU A 391 -5.08 6.72 26.59
N ASP A 392 -4.85 7.81 25.87
CA ASP A 392 -4.32 9.02 26.47
C ASP A 392 -5.43 9.58 27.35
N GLN A 393 -6.67 9.56 26.85
CA GLN A 393 -7.82 10.02 27.61
C GLN A 393 -8.12 9.10 28.80
N LYS A 394 -7.98 7.79 28.61
CA LYS A 394 -8.33 6.84 29.66
C LYS A 394 -7.32 6.85 30.80
N LEU A 395 -6.03 6.84 30.47
CA LEU A 395 -4.98 6.72 31.47
C LEU A 395 -4.50 8.07 32.00
N GLY A 396 -5.11 9.16 31.57
CA GLY A 396 -4.78 10.47 32.08
C GLY A 396 -5.48 10.87 33.36
N GLY A 397 -6.31 9.99 33.92
CA GLY A 397 -7.05 10.30 35.13
C GLY A 397 -8.29 11.13 34.93
N SER A 398 -8.71 11.35 33.68
CA SER A 398 -9.87 12.18 33.36
C SER A 398 -10.92 11.37 32.60
N SER A 399 -11.20 10.16 33.08
CA SER A 399 -12.13 9.26 32.40
C SER A 399 -13.56 9.74 32.62
N GLY A 400 -14.25 10.07 31.53
CA GLY A 400 -15.64 10.44 31.59
C GLY A 400 -16.53 9.35 31.05
N PRO A 401 -17.54 9.71 30.27
CA PRO A 401 -18.38 8.70 29.61
C PRO A 401 -17.60 8.02 28.49
N LEU A 402 -16.77 7.05 28.87
CA LEU A 402 -15.74 6.54 27.98
C LEU A 402 -16.39 5.56 27.00
N PRO A 403 -16.33 5.81 25.68
CA PRO A 403 -17.10 5.00 24.73
C PRO A 403 -16.59 3.57 24.61
N GLN A 404 -17.51 2.67 24.25
CA GLN A 404 -17.13 1.29 23.96
C GLN A 404 -16.37 1.22 22.65
N VAL A 405 -15.34 0.37 22.63
CA VAL A 405 -14.47 0.21 21.45
C VAL A 405 -14.48 -1.16 20.80
N ILE A 406 -15.66 -1.76 20.77
CA ILE A 406 -15.91 -3.07 20.16
C ILE A 406 -15.31 -3.19 18.76
N GLY A 407 -14.40 -4.14 18.60
CA GLY A 407 -13.74 -4.37 17.32
C GLY A 407 -14.36 -5.56 16.62
N LEU A 408 -14.35 -5.51 15.30
CA LEU A 408 -14.96 -6.54 14.47
C LEU A 408 -13.98 -6.93 13.37
N THR A 409 -13.81 -8.23 13.18
CA THR A 409 -12.81 -8.74 12.24
C THR A 409 -13.26 -10.10 11.73
N ALA A 410 -12.37 -10.75 10.99
CA ALA A 410 -12.57 -12.12 10.51
C ALA A 410 -11.45 -13.05 10.92
N SER A 411 -10.20 -12.56 10.93
CA SER A 411 -9.07 -13.28 11.48
C SER A 411 -8.39 -12.37 12.48
N VAL A 412 -8.06 -12.92 13.65
CA VAL A 412 -7.46 -12.11 14.71
C VAL A 412 -6.01 -11.77 14.40
N GLY A 413 -5.40 -12.44 13.41
CA GLY A 413 -4.06 -12.12 13.00
C GLY A 413 -3.01 -12.98 13.71
N VAL A 414 -1.86 -13.10 13.05
CA VAL A 414 -0.77 -13.94 13.52
C VAL A 414 0.48 -13.15 13.83
N GLY A 415 0.77 -12.10 13.06
CA GLY A 415 2.02 -11.39 13.19
C GLY A 415 3.19 -12.17 12.64
N ASP A 416 4.28 -12.26 13.40
CA ASP A 416 5.45 -13.05 13.02
C ASP A 416 5.74 -14.11 14.07
N ALA A 417 4.70 -14.79 14.52
CA ALA A 417 4.83 -15.73 15.63
C ALA A 417 5.57 -17.00 15.23
N LYS A 418 6.40 -17.50 16.12
CA LYS A 418 7.11 -18.76 15.97
C LYS A 418 6.71 -19.81 17.00
N ASN A 419 6.44 -19.39 18.23
CA ASN A 419 5.99 -20.29 19.29
C ASN A 419 4.78 -19.70 19.99
N THR A 420 4.08 -20.56 20.73
CA THR A 420 2.76 -20.21 21.27
C THR A 420 2.82 -19.08 22.28
N ASP A 421 3.95 -18.95 23.00
CA ASP A 421 4.10 -17.82 23.92
C ASP A 421 4.14 -16.50 23.16
N GLU A 422 4.84 -16.45 22.03
CA GLU A 422 4.93 -15.21 21.27
C GLU A 422 3.61 -14.90 20.58
N ALA A 423 2.90 -15.92 20.11
CA ALA A 423 1.58 -15.71 19.53
C ALA A 423 0.58 -15.21 20.57
N LEU A 424 0.64 -15.77 21.78
CA LEU A 424 -0.20 -15.29 22.87
C LEU A 424 0.13 -13.86 23.23
N ASP A 425 1.41 -13.52 23.25
CA ASP A 425 1.82 -12.14 23.53
C ASP A 425 1.33 -11.20 22.43
N TYR A 426 1.36 -11.64 21.18
CA TYR A 426 0.88 -10.79 20.08
C TYR A 426 -0.63 -10.58 20.15
N ILE A 427 -1.39 -11.64 20.46
CA ILE A 427 -2.83 -11.51 20.59
C ILE A 427 -3.19 -10.61 21.77
N CYS A 428 -2.46 -10.75 22.88
CA CYS A 428 -2.68 -9.87 24.03
C CYS A 428 -2.33 -8.43 23.70
N LYS A 429 -1.26 -8.22 22.92
CA LYS A 429 -0.89 -6.87 22.52
C LYS A 429 -1.95 -6.25 21.61
N LEU A 430 -2.50 -7.03 20.68
CA LEU A 430 -3.58 -6.52 19.82
C LEU A 430 -4.81 -6.19 20.65
N CYS A 431 -5.17 -7.07 21.59
CA CYS A 431 -6.35 -6.84 22.43
C CYS A 431 -6.17 -5.61 23.30
N ALA A 432 -4.98 -5.41 23.85
CA ALA A 432 -4.74 -4.23 24.69
C ALA A 432 -4.66 -2.96 23.86
N SER A 433 -4.15 -3.07 22.64
CA SER A 433 -4.16 -1.92 21.73
C SER A 433 -5.58 -1.54 21.38
N LEU A 434 -6.48 -2.52 21.27
CA LEU A 434 -7.90 -2.22 21.17
C LEU A 434 -8.60 -2.12 22.51
N ASP A 435 -7.92 -2.44 23.62
CA ASP A 435 -8.44 -2.33 24.98
C ASP A 435 -9.76 -3.09 25.16
N ALA A 436 -9.67 -4.41 24.99
CA ALA A 436 -10.82 -5.29 25.17
C ALA A 436 -10.41 -6.48 26.01
N SER A 437 -11.39 -7.08 26.69
CA SER A 437 -11.14 -8.19 27.59
C SER A 437 -11.83 -9.49 27.17
N VAL A 438 -12.68 -9.47 26.14
CA VAL A 438 -13.34 -10.67 25.66
C VAL A 438 -13.05 -10.81 24.18
N ILE A 439 -12.88 -12.05 23.72
CA ILE A 439 -12.72 -12.36 22.31
C ILE A 439 -13.87 -13.27 21.94
N ALA A 440 -14.89 -12.72 21.29
CA ALA A 440 -16.06 -13.51 20.92
C ALA A 440 -15.74 -14.40 19.73
N THR A 441 -16.05 -15.68 19.85
CA THR A 441 -15.78 -16.65 18.80
C THR A 441 -16.82 -17.76 18.92
N VAL A 442 -17.38 -18.17 17.77
CA VAL A 442 -18.36 -19.25 17.74
C VAL A 442 -17.73 -20.54 18.26
N LYS A 443 -18.31 -21.07 19.33
CA LYS A 443 -17.89 -22.35 19.89
C LYS A 443 -19.02 -23.35 20.02
N HIS A 444 -20.20 -22.90 20.47
CA HIS A 444 -21.32 -23.79 20.73
C HIS A 444 -22.19 -24.02 19.51
N ASN A 445 -21.94 -23.32 18.41
CA ASN A 445 -22.70 -23.44 17.17
C ASN A 445 -21.76 -23.60 16.00
N LEU A 446 -20.81 -24.53 16.12
CA LEU A 446 -19.76 -24.69 15.11
C LEU A 446 -20.33 -25.19 13.78
N GLU A 447 -21.45 -25.92 13.82
CA GLU A 447 -22.04 -26.41 12.59
C GLU A 447 -22.73 -25.31 11.80
N GLU A 448 -23.07 -24.18 12.45
CA GLU A 448 -23.55 -23.02 11.72
C GLU A 448 -22.47 -22.48 10.78
N LEU A 449 -21.23 -22.40 11.26
CA LEU A 449 -20.13 -22.06 10.38
C LEU A 449 -19.77 -23.21 9.45
N GLU A 450 -20.00 -24.45 9.86
CA GLU A 450 -19.69 -25.58 8.98
C GLU A 450 -20.66 -25.65 7.81
N GLN A 451 -21.83 -25.03 7.94
CA GLN A 451 -22.74 -24.93 6.80
C GLN A 451 -22.13 -24.09 5.68
N VAL A 452 -21.67 -22.89 6.00
CA VAL A 452 -20.97 -22.04 5.03
C VAL A 452 -19.64 -21.60 5.65
N VAL A 453 -18.54 -22.27 5.28
CA VAL A 453 -17.25 -22.01 5.90
C VAL A 453 -16.28 -21.26 4.99
N TYR A 454 -16.30 -21.54 3.68
CA TYR A 454 -15.40 -20.95 2.69
C TYR A 454 -13.93 -21.17 3.06
N LYS A 455 -13.54 -22.45 3.05
CA LYS A 455 -12.15 -22.83 3.23
C LYS A 455 -11.68 -23.65 2.03
N PRO A 456 -10.53 -23.32 1.44
CA PRO A 456 -10.04 -24.07 0.28
C PRO A 456 -9.04 -25.16 0.66
N GLN A 457 -8.77 -26.02 -0.32
CA GLN A 457 -7.70 -26.99 -0.19
C GLN A 457 -6.47 -26.52 -0.97
N LYS A 458 -5.30 -26.96 -0.52
CA LYS A 458 -4.03 -26.51 -1.05
C LYS A 458 -3.50 -27.49 -2.09
N PHE A 459 -2.97 -26.95 -3.18
CA PHE A 459 -2.57 -27.74 -4.34
C PHE A 459 -1.20 -27.28 -4.86
N PHE A 460 -0.22 -27.30 -3.97
CA PHE A 460 1.17 -26.89 -4.27
C PHE A 460 1.70 -27.60 -5.51
N ARG A 461 2.29 -26.82 -6.41
CA ARG A 461 2.91 -27.33 -7.63
C ARG A 461 4.26 -26.63 -7.81
N LYS A 462 5.32 -27.21 -7.26
CA LYS A 462 6.66 -26.69 -7.45
C LYS A 462 7.11 -26.93 -8.89
N VAL A 463 7.55 -25.87 -9.57
CA VAL A 463 7.94 -25.94 -10.96
C VAL A 463 9.43 -25.64 -11.08
N GLU A 464 10.00 -26.00 -12.22
CA GLU A 464 11.39 -25.73 -12.53
C GLU A 464 11.48 -24.59 -13.55
N SER A 465 12.56 -23.83 -13.47
CA SER A 465 12.76 -22.71 -14.36
C SER A 465 13.26 -23.19 -15.73
N ARG A 466 13.42 -22.25 -16.66
CA ARG A 466 13.96 -22.58 -17.97
C ARG A 466 15.45 -22.90 -17.87
N ILE A 467 15.95 -23.57 -18.91
CA ILE A 467 17.35 -23.93 -19.01
C ILE A 467 18.02 -23.27 -20.22
N SER A 468 17.32 -23.19 -21.34
CA SER A 468 17.84 -22.57 -22.55
C SER A 468 17.58 -21.07 -22.48
N ASP A 469 18.36 -20.39 -21.64
CA ASP A 469 18.21 -18.96 -21.41
C ASP A 469 19.14 -18.18 -22.34
N LYS A 470 18.85 -18.30 -23.64
CA LYS A 470 19.59 -17.52 -24.63
C LYS A 470 19.26 -16.04 -24.51
N PHE A 471 17.98 -15.72 -24.27
CA PHE A 471 17.55 -14.34 -24.13
C PHE A 471 18.17 -13.70 -22.90
N LYS A 472 18.24 -14.44 -21.80
CA LYS A 472 18.90 -13.95 -20.61
C LYS A 472 20.38 -13.70 -20.88
N TYR A 473 20.99 -14.53 -21.72
CA TYR A 473 22.38 -14.32 -22.12
C TYR A 473 22.53 -13.04 -22.93
N ILE A 474 21.60 -12.78 -23.86
CA ILE A 474 21.70 -11.57 -24.69
C ILE A 474 21.49 -10.32 -23.84
N ILE A 475 20.48 -10.35 -22.96
CA ILE A 475 20.21 -9.20 -22.10
C ILE A 475 21.35 -9.00 -21.10
N ALA A 476 21.97 -10.09 -20.65
CA ALA A 476 23.14 -9.97 -19.75
C ALA A 476 24.33 -9.38 -20.49
N GLN A 477 24.52 -9.75 -21.76
CA GLN A 477 25.57 -9.16 -22.57
C GLN A 477 25.32 -7.67 -22.77
N LEU A 478 24.06 -7.29 -23.01
CA LEU A 478 23.71 -5.89 -23.16
C LEU A 478 23.89 -5.13 -21.84
N MET A 479 23.57 -5.78 -20.72
CA MET A 479 23.82 -5.22 -19.40
C MET A 479 25.31 -4.96 -19.18
N ARG A 480 26.14 -5.94 -19.55
CA ARG A 480 27.58 -5.81 -19.39
C ARG A 480 28.13 -4.70 -20.25
N ASP A 481 27.64 -4.59 -21.49
CA ASP A 481 28.08 -3.52 -22.38
C ASP A 481 27.69 -2.15 -21.83
N THR A 482 26.45 -2.02 -21.36
CA THR A 482 25.98 -0.74 -20.81
C THR A 482 26.76 -0.35 -19.56
N GLU A 483 27.00 -1.31 -18.67
CA GLU A 483 27.74 -1.03 -17.45
C GLU A 483 29.20 -0.69 -17.76
N SER A 484 29.82 -1.38 -18.73
CA SER A 484 31.20 -1.10 -19.09
C SER A 484 31.34 0.28 -19.72
N LEU A 485 30.40 0.67 -20.56
CA LEU A 485 30.47 2.01 -21.13
C LEU A 485 30.04 3.08 -20.12
N ALA A 486 29.29 2.70 -19.08
CA ALA A 486 29.03 3.61 -17.98
C ALA A 486 30.26 3.80 -17.11
N LYS A 487 31.11 2.78 -17.03
CA LYS A 487 32.34 2.86 -16.25
C LYS A 487 33.40 3.77 -16.88
N ARG A 488 33.19 4.20 -18.13
CA ARG A 488 34.17 5.08 -18.77
C ARG A 488 34.18 6.47 -18.14
N ILE A 489 33.07 6.88 -17.52
CA ILE A 489 32.96 8.20 -16.91
C ILE A 489 32.95 8.14 -15.39
N CYS A 490 32.91 6.96 -14.79
CA CYS A 490 33.02 6.80 -13.34
C CYS A 490 33.97 5.63 -13.10
N LYS A 491 35.20 5.95 -12.70
CA LYS A 491 36.23 4.92 -12.56
C LYS A 491 35.97 4.02 -11.35
N ASP A 492 35.36 4.56 -10.29
CA ASP A 492 35.11 3.81 -9.06
C ASP A 492 33.65 3.40 -8.95
N LEU A 493 33.05 2.97 -10.06
CA LEU A 493 31.61 2.70 -10.08
C LEU A 493 31.24 1.51 -9.21
N GLU A 494 32.16 0.55 -9.04
CA GLU A 494 31.89 -0.59 -8.18
C GLU A 494 31.96 -0.26 -6.70
N ASN A 495 32.58 0.88 -6.35
CA ASN A 495 32.83 1.19 -4.94
C ASN A 495 31.80 2.13 -4.31
N LEU A 496 30.86 2.67 -5.09
CA LEU A 496 29.84 3.53 -4.48
C LEU A 496 28.84 2.71 -3.68
N SER A 497 28.51 1.51 -4.15
CA SER A 497 27.65 0.60 -3.42
C SER A 497 28.47 -0.59 -2.96
N GLN A 498 28.43 -0.87 -1.65
CA GLN A 498 29.14 -2.00 -1.07
C GLN A 498 28.11 -2.96 -0.47
N ILE A 499 27.66 -3.93 -1.26
CA ILE A 499 26.76 -4.92 -0.72
C ILE A 499 27.35 -6.34 -0.83
N GLN A 500 27.45 -6.86 -2.06
CA GLN A 500 27.94 -8.19 -2.39
C GLN A 500 27.95 -8.37 -3.92
N ASN A 501 28.43 -9.52 -4.40
CA ASN A 501 28.37 -9.82 -5.83
C ASN A 501 26.93 -9.85 -6.33
N ARG A 502 26.72 -9.28 -7.52
CA ARG A 502 25.40 -9.10 -8.07
C ARG A 502 25.18 -10.03 -9.26
N GLU A 503 23.93 -10.42 -9.48
CA GLU A 503 23.54 -11.27 -10.58
C GLU A 503 22.28 -10.72 -11.24
N PHE A 504 22.23 -10.82 -12.57
CA PHE A 504 21.21 -10.15 -13.35
C PHE A 504 19.85 -10.82 -13.21
N GLY A 505 18.80 -10.07 -13.49
CA GLY A 505 17.46 -10.60 -13.46
C GLY A 505 16.91 -10.86 -12.07
N THR A 506 17.46 -10.19 -11.06
CA THR A 506 17.07 -10.42 -9.68
C THR A 506 16.80 -9.11 -8.97
N GLN A 507 16.04 -9.19 -7.87
CA GLN A 507 15.71 -8.02 -7.07
C GLN A 507 16.96 -7.42 -6.42
N LYS A 508 17.97 -8.24 -6.15
CA LYS A 508 19.23 -7.74 -5.61
C LYS A 508 19.91 -6.81 -6.61
N TYR A 509 19.84 -7.15 -7.91
CA TYR A 509 20.39 -6.26 -8.92
C TYR A 509 19.61 -4.96 -8.98
N GLU A 510 18.28 -5.02 -8.80
CA GLU A 510 17.49 -3.80 -8.76
C GLU A 510 17.88 -2.91 -7.59
N GLN A 511 18.14 -3.53 -6.42
CA GLN A 511 18.59 -2.77 -5.27
C GLN A 511 19.96 -2.14 -5.51
N TRP A 512 20.88 -2.88 -6.13
CA TRP A 512 22.18 -2.32 -6.47
C TRP A 512 22.06 -1.19 -7.47
N ILE A 513 21.16 -1.34 -8.45
CA ILE A 513 20.96 -0.33 -9.47
C ILE A 513 20.43 0.96 -8.87
N VAL A 514 19.42 0.87 -8.00
CA VAL A 514 18.89 2.11 -7.43
C VAL A 514 19.84 2.69 -6.39
N THR A 515 20.66 1.86 -5.73
CA THR A 515 21.63 2.40 -4.79
C THR A 515 22.74 3.15 -5.51
N VAL A 516 23.23 2.60 -6.62
CA VAL A 516 24.26 3.32 -7.37
C VAL A 516 23.64 4.49 -8.13
N GLN A 517 22.32 4.44 -8.37
CA GLN A 517 21.62 5.60 -8.92
C GLN A 517 21.60 6.74 -7.92
N LYS A 518 21.22 6.45 -6.68
CA LYS A 518 21.25 7.42 -5.60
C LYS A 518 22.67 7.87 -5.28
N ALA A 519 23.67 7.07 -5.65
CA ALA A 519 25.04 7.37 -5.26
C ALA A 519 25.68 8.49 -6.09
N CYS A 520 25.41 8.58 -7.40
CA CYS A 520 26.20 9.47 -8.24
C CYS A 520 25.53 10.83 -8.47
N MET A 521 24.41 11.11 -7.83
CA MET A 521 23.78 12.42 -7.96
C MET A 521 24.32 13.42 -6.95
N VAL A 522 25.44 13.10 -6.31
CA VAL A 522 26.04 13.94 -5.28
C VAL A 522 27.41 14.48 -5.70
N PHE A 523 27.75 14.35 -6.99
CA PHE A 523 29.07 14.73 -7.49
C PHE A 523 29.32 16.23 -7.34
N GLN A 524 30.57 16.60 -7.04
CA GLN A 524 30.93 17.99 -6.77
C GLN A 524 31.96 18.50 -7.76
N MET A 525 31.80 18.19 -9.04
CA MET A 525 32.70 18.74 -10.05
C MET A 525 32.46 20.23 -10.24
N PRO A 526 33.48 21.08 -10.10
CA PRO A 526 33.25 22.53 -10.12
C PRO A 526 33.00 23.12 -11.50
N ASP A 527 33.00 22.30 -12.57
CA ASP A 527 32.70 22.83 -13.89
C ASP A 527 31.24 23.28 -13.99
N LYS A 528 30.33 22.51 -13.39
CA LYS A 528 28.89 22.78 -13.27
C LYS A 528 28.15 22.78 -14.60
N ASP A 529 28.86 22.57 -15.71
CA ASP A 529 28.27 22.42 -17.04
C ASP A 529 28.43 21.00 -17.55
N GLU A 530 29.63 20.44 -17.44
CA GLU A 530 29.84 19.02 -17.72
C GLU A 530 29.34 18.13 -16.59
N GLU A 531 29.17 18.70 -15.39
CA GLU A 531 28.54 17.98 -14.30
C GLU A 531 27.12 17.57 -14.66
N SER A 532 26.38 18.49 -15.29
CA SER A 532 25.02 18.18 -15.74
C SER A 532 25.01 17.03 -16.74
N ARG A 533 25.95 17.04 -17.68
CA ARG A 533 25.95 16.00 -18.71
C ARG A 533 26.41 14.66 -18.15
N ILE A 534 27.34 14.64 -17.20
CA ILE A 534 27.77 13.34 -16.65
C ILE A 534 26.69 12.77 -15.73
N CYS A 535 26.01 13.64 -14.95
CA CYS A 535 24.92 13.17 -14.11
C CYS A 535 23.76 12.67 -14.97
N LYS A 536 23.45 13.37 -16.06
CA LYS A 536 22.42 12.92 -16.99
C LYS A 536 22.81 11.61 -17.64
N ALA A 537 24.11 11.44 -17.96
CA ALA A 537 24.57 10.21 -18.60
C ALA A 537 24.42 9.01 -17.67
N LEU A 538 24.88 9.14 -16.42
CA LEU A 538 24.71 8.03 -15.48
C LEU A 538 23.25 7.78 -15.13
N PHE A 539 22.41 8.82 -15.07
CA PHE A 539 21.00 8.58 -14.87
C PHE A 539 20.38 7.81 -16.03
N LEU A 540 20.76 8.16 -17.26
CA LEU A 540 20.23 7.46 -18.42
C LEU A 540 20.70 6.01 -18.45
N TYR A 541 21.99 5.77 -18.19
CA TYR A 541 22.53 4.41 -18.17
C TYR A 541 21.87 3.58 -17.08
N THR A 542 21.70 4.15 -15.89
CA THR A 542 21.18 3.38 -14.77
C THR A 542 19.68 3.11 -14.94
N SER A 543 18.93 4.09 -15.47
CA SER A 543 17.52 3.85 -15.76
C SER A 543 17.36 2.78 -16.85
N HIS A 544 18.24 2.80 -17.85
CA HIS A 544 18.21 1.74 -18.86
C HIS A 544 18.50 0.38 -18.23
N LEU A 545 19.50 0.31 -17.35
CA LEU A 545 19.85 -0.95 -16.69
C LEU A 545 18.69 -1.46 -15.83
N ARG A 546 18.01 -0.55 -15.14
CA ARG A 546 16.84 -0.92 -14.35
C ARG A 546 15.73 -1.45 -15.24
N LYS A 547 15.54 -0.85 -16.42
CA LYS A 547 14.52 -1.32 -17.34
C LYS A 547 14.84 -2.70 -17.90
N TYR A 548 16.11 -2.94 -18.25
CA TYR A 548 16.49 -4.27 -18.71
C TYR A 548 16.35 -5.31 -17.59
N ASN A 549 16.65 -4.92 -16.35
CA ASN A 549 16.48 -5.84 -15.22
C ASN A 549 15.00 -6.20 -15.02
N ASP A 550 14.12 -5.21 -15.14
CA ASP A 550 12.69 -5.48 -15.03
C ASP A 550 12.22 -6.37 -16.19
N ALA A 551 12.75 -6.13 -17.39
CA ALA A 551 12.42 -6.99 -18.53
C ALA A 551 12.88 -8.42 -18.30
N LEU A 552 14.08 -8.59 -17.73
CA LEU A 552 14.58 -9.91 -17.40
C LEU A 552 13.69 -10.62 -16.37
N ILE A 553 13.23 -9.87 -15.36
CA ILE A 553 12.35 -10.46 -14.35
C ILE A 553 11.02 -10.88 -14.98
N ILE A 554 10.47 -10.04 -15.87
CA ILE A 554 9.22 -10.36 -16.55
C ILE A 554 9.40 -11.61 -17.43
N SER A 555 10.51 -11.70 -18.15
CA SER A 555 10.76 -12.87 -18.99
C SER A 555 10.98 -14.12 -18.15
N GLU A 556 11.59 -13.97 -16.97
CA GLU A 556 11.77 -15.10 -16.07
C GLU A 556 10.44 -15.60 -15.55
N HIS A 557 9.51 -14.70 -15.24
CA HIS A 557 8.22 -15.11 -14.68
C HIS A 557 7.17 -15.32 -15.77
N ALA A 558 6.86 -14.27 -16.53
CA ALA A 558 5.83 -14.32 -17.55
C ALA A 558 6.44 -14.78 -18.88
N ARG A 559 5.69 -14.67 -19.97
CA ARG A 559 6.17 -15.18 -21.24
C ARG A 559 7.16 -14.21 -21.88
N MET A 560 7.70 -14.65 -23.00
CA MET A 560 8.80 -14.03 -23.73
C MET A 560 8.38 -12.74 -24.42
N LYS A 561 7.33 -12.83 -25.22
CA LYS A 561 6.94 -11.73 -26.11
C LYS A 561 6.44 -10.53 -25.31
N ASP A 562 5.84 -10.75 -24.14
CA ASP A 562 5.45 -9.65 -23.28
C ASP A 562 6.66 -8.87 -22.77
N ALA A 563 7.74 -9.58 -22.42
CA ALA A 563 8.95 -8.90 -21.99
C ALA A 563 9.57 -8.10 -23.13
N LEU A 564 9.60 -8.70 -24.33
CA LEU A 564 10.14 -7.98 -25.49
C LEU A 564 9.29 -6.75 -25.83
N ASP A 565 7.97 -6.88 -25.75
CA ASP A 565 7.08 -5.76 -26.05
C ASP A 565 7.16 -4.69 -24.98
N TYR A 566 7.40 -5.09 -23.72
CA TYR A 566 7.61 -4.13 -22.65
C TYR A 566 8.86 -3.30 -22.88
N LEU A 567 9.96 -3.97 -23.28
CA LEU A 567 11.18 -3.24 -23.58
C LEU A 567 11.01 -2.33 -24.79
N LYS A 568 10.31 -2.81 -25.83
CA LYS A 568 10.07 -1.98 -27.00
C LYS A 568 9.19 -0.78 -26.67
N ASP A 569 8.19 -0.98 -25.81
CA ASP A 569 7.32 0.12 -25.40
C ASP A 569 8.08 1.16 -24.58
N PHE A 570 8.96 0.71 -23.68
CA PHE A 570 9.79 1.65 -22.93
C PHE A 570 10.69 2.45 -23.85
N PHE A 571 11.31 1.77 -24.83
CA PHE A 571 12.18 2.49 -25.75
C PHE A 571 11.40 3.43 -26.65
N SER A 572 10.14 3.10 -26.96
CA SER A 572 9.31 3.98 -27.76
C SER A 572 8.88 5.22 -26.99
N ASN A 573 8.44 5.04 -25.73
CA ASN A 573 8.01 6.18 -24.94
C ASN A 573 9.17 7.09 -24.56
N VAL A 574 10.32 6.53 -24.21
CA VAL A 574 11.42 7.38 -23.78
C VAL A 574 12.18 7.92 -25.01
N ARG A 575 12.18 7.19 -26.12
CA ARG A 575 12.72 7.70 -27.37
C ARG A 575 11.91 8.90 -27.88
N ALA A 576 10.59 8.87 -27.70
CA ALA A 576 9.76 10.01 -28.09
C ALA A 576 10.03 11.24 -27.24
N ALA A 577 10.63 11.08 -26.06
CA ALA A 577 11.03 12.20 -25.22
C ALA A 577 12.53 12.45 -25.25
N GLY A 578 13.35 11.43 -25.52
CA GLY A 578 14.80 11.58 -25.49
C GLY A 578 15.37 11.62 -26.90
N PHE A 579 16.18 12.65 -27.16
CA PHE A 579 16.75 12.83 -28.48
C PHE A 579 18.25 13.08 -28.47
N ASP A 580 18.92 12.93 -27.32
CA ASP A 580 20.35 13.16 -27.25
C ASP A 580 21.11 11.94 -27.78
N GLU A 581 22.42 12.12 -27.98
CA GLU A 581 23.24 11.07 -28.58
C GLU A 581 23.47 9.90 -27.64
N ILE A 582 23.30 10.08 -26.33
CA ILE A 582 23.39 8.95 -25.40
C ILE A 582 22.22 8.00 -25.62
N GLU A 583 21.01 8.57 -25.70
CA GLU A 583 19.84 7.78 -26.09
C GLU A 583 20.00 7.19 -27.49
N GLN A 584 20.63 7.93 -28.39
CA GLN A 584 20.84 7.42 -29.76
C GLN A 584 21.73 6.19 -29.74
N ASP A 585 22.81 6.22 -28.95
CA ASP A 585 23.72 5.09 -28.85
C ASP A 585 23.02 3.88 -28.21
N LEU A 586 22.33 4.10 -27.09
CA LEU A 586 21.68 2.99 -26.40
C LEU A 586 20.55 2.39 -27.24
N THR A 587 19.74 3.25 -27.87
CA THR A 587 18.65 2.77 -28.72
C THR A 587 19.18 2.03 -29.93
N GLN A 588 20.25 2.52 -30.55
CA GLN A 588 20.79 1.85 -31.73
C GLN A 588 21.42 0.51 -31.37
N ARG A 589 22.00 0.40 -30.17
CA ARG A 589 22.47 -0.90 -29.70
C ARG A 589 21.31 -1.85 -29.48
N PHE A 590 20.20 -1.34 -28.95
CA PHE A 590 19.04 -2.20 -28.73
C PHE A 590 18.43 -2.69 -30.04
N GLU A 591 18.32 -1.80 -31.05
CA GLU A 591 17.76 -2.30 -32.30
C GLU A 591 18.75 -3.16 -33.07
N GLU A 592 20.05 -3.01 -32.79
CA GLU A 592 21.03 -3.94 -33.33
C GLU A 592 20.82 -5.34 -32.76
N LYS A 593 20.49 -5.42 -31.46
CA LYS A 593 20.19 -6.73 -30.88
C LYS A 593 18.75 -7.18 -31.13
N LEU A 594 17.89 -6.29 -31.63
CA LEU A 594 16.46 -6.57 -31.71
C LEU A 594 16.13 -7.68 -32.70
N GLN A 595 16.90 -7.81 -33.79
CA GLN A 595 16.60 -8.86 -34.76
C GLN A 595 16.84 -10.24 -34.16
N GLU A 596 17.96 -10.40 -33.43
CA GLU A 596 18.20 -11.65 -32.73
C GLU A 596 17.17 -11.88 -31.64
N LEU A 597 16.76 -10.82 -30.94
CA LEU A 597 15.75 -10.95 -29.89
C LEU A 597 14.40 -11.38 -30.47
N GLU A 598 14.03 -10.84 -31.63
CA GLU A 598 12.76 -11.22 -32.25
C GLU A 598 12.82 -12.61 -32.84
N SER A 599 14.00 -13.03 -33.33
CA SER A 599 14.14 -14.39 -33.82
C SER A 599 14.05 -15.40 -32.69
N VAL A 600 14.65 -15.09 -31.54
CA VAL A 600 14.61 -16.03 -30.43
C VAL A 600 13.28 -15.95 -29.69
N SER A 601 12.51 -14.88 -29.89
CA SER A 601 11.24 -14.76 -29.20
C SER A 601 10.17 -15.65 -29.80
N ARG A 602 10.20 -15.85 -31.11
CA ARG A 602 9.16 -16.56 -31.84
C ARG A 602 9.42 -18.06 -31.92
N ASP A 603 10.27 -18.60 -31.05
CA ASP A 603 10.56 -20.03 -31.03
C ASP A 603 9.63 -20.72 -30.05
N PRO A 604 8.77 -21.65 -30.50
CA PRO A 604 7.90 -22.37 -29.56
C PRO A 604 8.66 -23.30 -28.63
N SER A 605 9.90 -23.67 -28.95
CA SER A 605 10.69 -24.55 -28.09
C SER A 605 11.25 -23.83 -26.87
N ASN A 606 11.15 -22.51 -26.80
CA ASN A 606 11.63 -21.74 -25.66
C ASN A 606 10.50 -21.27 -24.76
N GLU A 607 9.39 -21.99 -24.75
CA GLU A 607 8.27 -21.62 -23.88
C GLU A 607 8.59 -21.92 -22.43
N ASN A 608 8.17 -21.03 -21.54
CA ASN A 608 8.41 -21.22 -20.11
C ASN A 608 7.60 -22.41 -19.60
N PRO A 609 8.22 -23.34 -18.87
CA PRO A 609 7.46 -24.48 -18.33
C PRO A 609 6.46 -24.09 -17.26
N LYS A 610 6.67 -22.95 -16.57
CA LYS A 610 5.73 -22.51 -15.55
C LYS A 610 4.39 -22.14 -16.17
N LEU A 611 4.41 -21.36 -17.25
CA LEU A 611 3.17 -21.05 -17.94
C LEU A 611 2.61 -22.28 -18.62
N GLU A 612 3.47 -23.22 -19.02
CA GLU A 612 3.03 -24.46 -19.64
C GLU A 612 2.19 -25.29 -18.68
N ASP A 613 2.69 -25.56 -17.48
CA ASP A 613 1.86 -26.35 -16.58
C ASP A 613 0.77 -25.49 -15.93
N LEU A 614 0.88 -24.16 -15.97
CA LEU A 614 -0.23 -23.32 -15.57
C LEU A 614 -1.42 -23.50 -16.50
N CYS A 615 -1.19 -23.41 -17.82
CA CYS A 615 -2.32 -23.64 -18.73
C CYS A 615 -2.72 -25.10 -18.75
N PHE A 616 -1.81 -26.01 -18.37
CA PHE A 616 -2.16 -27.42 -18.36
C PHE A 616 -3.10 -27.74 -17.18
N ILE A 617 -2.84 -27.15 -16.00
CA ILE A 617 -3.76 -27.34 -14.87
C ILE A 617 -5.06 -26.57 -15.10
N LEU A 618 -4.99 -25.40 -15.73
CA LEU A 618 -6.20 -24.67 -16.09
C LEU A 618 -7.05 -25.48 -17.05
N GLN A 619 -6.42 -26.17 -17.99
CA GLN A 619 -7.16 -26.96 -18.96
C GLN A 619 -7.80 -28.19 -18.35
N GLU A 620 -7.10 -28.90 -17.44
CA GLU A 620 -7.76 -30.07 -16.85
C GLU A 620 -8.93 -29.64 -15.98
N GLU A 621 -8.75 -28.57 -15.19
CA GLU A 621 -9.82 -28.17 -14.29
C GLU A 621 -10.98 -27.56 -15.07
N TYR A 622 -10.72 -26.91 -16.21
CA TYR A 622 -11.80 -26.36 -17.00
C TYR A 622 -12.53 -27.44 -17.79
N HIS A 623 -11.83 -28.51 -18.18
CA HIS A 623 -12.56 -29.63 -18.80
C HIS A 623 -13.35 -30.39 -17.74
N LEU A 624 -12.90 -30.33 -16.48
CA LEU A 624 -13.69 -30.88 -15.39
C LEU A 624 -14.94 -30.03 -15.16
N ASN A 625 -14.80 -28.70 -15.14
CA ASN A 625 -15.90 -27.80 -14.86
C ASN A 625 -15.84 -26.61 -15.81
N PRO A 626 -16.89 -26.45 -16.63
CA PRO A 626 -16.93 -25.35 -17.62
C PRO A 626 -17.65 -24.05 -17.23
N GLU A 627 -18.04 -23.87 -15.96
CA GLU A 627 -18.71 -22.66 -15.51
C GLU A 627 -17.96 -22.02 -14.35
N THR A 628 -16.69 -22.38 -14.18
CA THR A 628 -15.90 -21.94 -13.04
C THR A 628 -15.15 -20.66 -13.40
N ILE A 629 -15.34 -19.62 -12.59
CA ILE A 629 -14.62 -18.36 -12.74
C ILE A 629 -13.45 -18.38 -11.78
N THR A 630 -12.25 -18.12 -12.30
CA THR A 630 -11.02 -18.23 -11.53
C THR A 630 -10.35 -16.87 -11.39
N ILE A 631 -9.54 -16.74 -10.34
CA ILE A 631 -8.80 -15.52 -10.05
C ILE A 631 -7.33 -15.87 -9.92
N LEU A 632 -6.47 -15.14 -10.62
CA LEU A 632 -5.03 -15.36 -10.61
C LEU A 632 -4.34 -14.12 -10.09
N PHE A 633 -3.39 -14.31 -9.17
CA PHE A 633 -2.67 -13.22 -8.53
C PHE A 633 -1.21 -13.22 -8.96
N VAL A 634 -0.72 -12.07 -9.40
CA VAL A 634 0.68 -11.89 -9.74
C VAL A 634 1.25 -10.78 -8.86
N LYS A 635 2.58 -10.80 -8.71
CA LYS A 635 3.21 -9.92 -7.73
C LYS A 635 3.29 -8.48 -8.23
N THR A 636 3.44 -8.27 -9.53
CA THR A 636 3.75 -6.96 -10.09
C THR A 636 2.70 -6.56 -11.13
N ARG A 637 2.46 -5.26 -11.25
CA ARG A 637 1.53 -4.75 -12.25
C ARG A 637 2.12 -4.81 -13.66
N ALA A 638 3.41 -5.07 -13.79
CA ALA A 638 3.98 -5.32 -15.11
C ALA A 638 3.61 -6.70 -15.63
N LEU A 639 3.09 -7.57 -14.76
CA LEU A 639 2.71 -8.92 -15.17
C LEU A 639 1.22 -9.13 -15.32
N VAL A 640 0.38 -8.23 -14.77
CA VAL A 640 -1.07 -8.43 -14.88
C VAL A 640 -1.53 -8.26 -16.33
N ASP A 641 -0.94 -7.30 -17.06
CA ASP A 641 -1.22 -7.17 -18.48
C ASP A 641 -0.46 -8.20 -19.31
N ALA A 642 0.70 -8.65 -18.85
CA ALA A 642 1.46 -9.67 -19.57
C ALA A 642 0.71 -11.01 -19.57
N LEU A 643 0.15 -11.40 -18.43
CA LEU A 643 -0.63 -12.62 -18.38
C LEU A 643 -1.92 -12.49 -19.17
N LYS A 644 -2.51 -11.30 -19.19
CA LYS A 644 -3.70 -11.08 -20.01
C LYS A 644 -3.38 -11.22 -21.50
N ASN A 645 -2.24 -10.67 -21.94
CA ASN A 645 -1.81 -10.85 -23.32
C ASN A 645 -1.51 -12.31 -23.62
N TRP A 646 -0.95 -13.04 -22.66
CA TRP A 646 -0.67 -14.45 -22.87
C TRP A 646 -1.96 -15.26 -22.97
N ILE A 647 -2.99 -14.87 -22.21
CA ILE A 647 -4.29 -15.51 -22.34
C ILE A 647 -4.90 -15.22 -23.71
N GLU A 648 -4.80 -13.97 -24.16
CA GLU A 648 -5.39 -13.58 -25.44
C GLU A 648 -4.69 -14.27 -26.61
N GLY A 649 -3.36 -14.42 -26.53
CA GLY A 649 -2.58 -14.98 -27.61
C GLY A 649 -2.34 -16.47 -27.57
N ASN A 650 -2.93 -17.20 -26.63
CA ASN A 650 -2.71 -18.63 -26.53
C ASN A 650 -3.80 -19.36 -27.31
N PRO A 651 -3.46 -20.20 -28.29
CA PRO A 651 -4.49 -20.87 -29.09
C PRO A 651 -4.97 -22.19 -28.48
N LYS A 652 -4.23 -22.71 -27.49
CA LYS A 652 -4.62 -23.97 -26.87
C LYS A 652 -5.85 -23.82 -25.97
N LEU A 653 -6.21 -22.60 -25.60
CA LEU A 653 -7.36 -22.34 -24.76
C LEU A 653 -8.26 -21.32 -25.44
N SER A 654 -9.58 -21.51 -25.29
CA SER A 654 -10.55 -20.61 -25.91
C SER A 654 -11.67 -20.18 -24.99
N PHE A 655 -11.84 -20.78 -23.82
CA PHE A 655 -12.95 -20.47 -22.93
C PHE A 655 -12.65 -19.30 -21.99
N LEU A 656 -11.42 -18.81 -21.97
CA LEU A 656 -11.04 -17.76 -21.03
C LEU A 656 -11.31 -16.38 -21.59
N LYS A 657 -11.51 -15.42 -20.69
CA LYS A 657 -11.70 -14.02 -21.02
C LYS A 657 -10.75 -13.17 -20.19
N PRO A 658 -10.23 -12.07 -20.74
CA PRO A 658 -9.33 -11.22 -19.96
C PRO A 658 -10.07 -10.52 -18.83
N GLY A 659 -9.51 -10.60 -17.63
CA GLY A 659 -10.17 -10.09 -16.44
C GLY A 659 -9.34 -9.11 -15.63
N ILE A 660 -8.66 -8.19 -16.30
CA ILE A 660 -7.74 -7.27 -15.62
C ILE A 660 -8.51 -6.39 -14.65
N LEU A 661 -8.06 -6.37 -13.40
CA LEU A 661 -8.75 -5.66 -12.33
C LEU A 661 -7.90 -4.49 -11.82
N ASP A 690 -19.17 -12.33 -18.61
CA ASP A 690 -18.30 -12.20 -19.78
C ASP A 690 -16.84 -12.09 -19.35
N HIS A 691 -16.54 -12.54 -18.14
CA HIS A 691 -15.18 -12.49 -17.58
C HIS A 691 -14.93 -13.83 -16.90
N ASN A 692 -14.28 -14.74 -17.63
CA ASN A 692 -14.06 -16.09 -17.10
C ASN A 692 -12.96 -16.07 -16.03
N ILE A 693 -11.75 -15.72 -16.41
CA ILE A 693 -10.63 -15.62 -15.49
C ILE A 693 -10.34 -14.16 -15.19
N LEU A 694 -10.30 -13.82 -13.90
CA LEU A 694 -10.08 -12.46 -13.45
C LEU A 694 -8.62 -12.35 -12.98
N ILE A 695 -7.78 -11.74 -13.81
CA ILE A 695 -6.39 -11.51 -13.47
C ILE A 695 -6.27 -10.22 -12.67
N ALA A 696 -5.66 -10.32 -11.49
CA ALA A 696 -5.50 -9.20 -10.58
C ALA A 696 -4.14 -9.31 -9.89
N THR A 697 -3.88 -8.39 -8.98
CA THR A 697 -2.62 -8.39 -8.23
C THR A 697 -2.80 -8.38 -6.71
N SER A 698 -3.90 -7.80 -6.21
CA SER A 698 -4.17 -7.78 -4.78
C SER A 698 -5.64 -7.46 -4.57
N VAL A 699 -6.13 -7.74 -3.37
CA VAL A 699 -7.52 -7.47 -3.04
C VAL A 699 -7.66 -7.19 -1.56
N ALA A 707 -15.27 -12.37 -4.85
CA ALA A 707 -16.63 -12.74 -5.22
C ALA A 707 -16.86 -14.23 -4.97
N GLN A 708 -17.20 -14.98 -6.02
CA GLN A 708 -17.41 -16.41 -5.89
C GLN A 708 -16.10 -17.13 -5.55
N CYS A 709 -15.01 -16.78 -6.26
CA CYS A 709 -13.67 -17.28 -6.00
C CYS A 709 -13.60 -18.80 -6.04
N ASN A 710 -14.13 -19.37 -7.12
CA ASN A 710 -14.21 -20.83 -7.23
C ASN A 710 -12.84 -21.46 -7.51
N LEU A 711 -11.86 -20.67 -7.95
CA LEU A 711 -10.50 -21.15 -8.15
C LEU A 711 -9.53 -20.00 -7.95
N VAL A 712 -8.53 -20.21 -7.11
CA VAL A 712 -7.51 -19.20 -6.81
C VAL A 712 -6.16 -19.75 -7.21
N ILE A 713 -5.42 -18.97 -8.00
CA ILE A 713 -4.08 -19.35 -8.45
C ILE A 713 -3.12 -18.28 -7.96
N LEU A 714 -2.03 -18.69 -7.31
CA LEU A 714 -1.00 -17.79 -6.81
C LEU A 714 0.28 -18.06 -7.60
N TYR A 715 0.50 -17.25 -8.65
CA TYR A 715 1.66 -17.42 -9.53
C TYR A 715 2.78 -16.57 -8.97
N GLU A 716 3.72 -17.22 -8.27
CA GLU A 716 4.94 -16.60 -7.74
C GLU A 716 4.64 -15.43 -6.80
N TYR A 717 3.51 -15.50 -6.11
CA TYR A 717 3.05 -14.43 -5.25
C TYR A 717 2.76 -15.01 -3.87
N VAL A 718 3.40 -14.45 -2.84
CA VAL A 718 3.24 -14.90 -1.47
C VAL A 718 2.48 -13.82 -0.70
N GLY A 719 1.42 -14.23 -0.01
CA GLY A 719 0.61 -13.29 0.73
C GLY A 719 -0.47 -13.96 1.56
N ASN A 720 -1.64 -13.34 1.63
CA ASN A 720 -2.74 -13.83 2.45
C ASN A 720 -3.76 -14.55 1.58
N VAL A 721 -4.30 -15.64 2.12
CA VAL A 721 -5.31 -16.43 1.42
C VAL A 721 -6.68 -16.36 2.11
N ILE A 722 -6.72 -15.99 3.40
CA ILE A 722 -7.98 -15.98 4.13
C ILE A 722 -8.87 -14.81 3.73
N LYS A 723 -8.34 -13.84 2.99
CA LYS A 723 -9.15 -12.71 2.53
C LYS A 723 -9.98 -13.08 1.31
N GLY A 735 -16.33 -25.46 -2.93
CA GLY A 735 -15.24 -26.32 -3.33
C GLY A 735 -14.10 -25.58 -4.02
N SER A 736 -13.63 -24.52 -3.38
CA SER A 736 -12.56 -23.71 -3.94
C SER A 736 -11.22 -24.42 -3.79
N LYS A 737 -10.25 -23.98 -4.60
CA LYS A 737 -8.90 -24.50 -4.56
C LYS A 737 -7.92 -23.34 -4.58
N CYS A 738 -6.69 -23.62 -4.13
CA CYS A 738 -5.62 -22.62 -4.10
C CYS A 738 -4.35 -23.27 -4.64
N PHE A 739 -4.10 -23.06 -5.93
CA PHE A 739 -2.92 -23.63 -6.60
C PHE A 739 -1.78 -22.62 -6.51
N LEU A 740 -0.75 -22.96 -5.73
CA LEU A 740 0.43 -22.11 -5.58
C LEU A 740 1.51 -22.60 -6.54
N LEU A 741 1.91 -21.73 -7.46
CA LEU A 741 2.95 -22.04 -8.43
C LEU A 741 4.18 -21.21 -8.11
N THR A 742 5.34 -21.88 -8.01
CA THR A 742 6.57 -21.19 -7.67
C THR A 742 7.75 -21.99 -8.17
N SER A 743 8.89 -21.31 -8.29
CA SER A 743 10.16 -21.94 -8.63
C SER A 743 11.11 -21.99 -7.44
N ASN A 744 10.62 -21.68 -6.24
CA ASN A 744 11.43 -21.67 -5.03
C ASN A 744 10.68 -22.40 -3.93
N ALA A 745 11.38 -23.27 -3.20
CA ALA A 745 10.79 -23.98 -2.07
C ALA A 745 10.63 -23.09 -0.84
N GLY A 746 11.21 -21.89 -0.86
CA GLY A 746 11.02 -20.96 0.26
C GLY A 746 9.57 -20.55 0.42
N VAL A 747 8.87 -20.35 -0.70
CA VAL A 747 7.43 -20.05 -0.65
C VAL A 747 6.65 -21.24 -0.10
N ILE A 748 7.09 -22.45 -0.44
CA ILE A 748 6.38 -23.65 0.01
C ILE A 748 6.52 -23.82 1.52
N GLU A 749 7.75 -23.71 2.04
CA GLU A 749 7.95 -23.80 3.48
C GLU A 749 7.33 -22.61 4.20
N LYS A 750 7.27 -21.44 3.54
CA LYS A 750 6.61 -20.29 4.12
C LYS A 750 5.11 -20.53 4.29
N GLU A 751 4.46 -21.13 3.29
CA GLU A 751 3.02 -21.36 3.45
C GLU A 751 2.77 -22.47 4.46
N GLN A 752 3.67 -23.46 4.53
CA GLN A 752 3.51 -24.52 5.52
C GLN A 752 3.58 -23.95 6.94
N ILE A 753 4.56 -23.08 7.19
CA ILE A 753 4.60 -22.45 8.51
C ILE A 753 3.46 -21.45 8.65
N ASN A 754 2.89 -20.95 7.55
CA ASN A 754 1.69 -20.11 7.66
C ASN A 754 0.50 -20.91 8.19
N MET A 755 0.32 -22.14 7.69
CA MET A 755 -0.74 -22.99 8.24
C MET A 755 -0.46 -23.36 9.69
N TYR A 756 0.82 -23.62 10.01
CA TYR A 756 1.18 -23.91 11.40
C TYR A 756 0.88 -22.74 12.32
N LYS A 757 1.17 -21.51 11.88
CA LYS A 757 0.90 -20.34 12.69
C LYS A 757 -0.59 -20.04 12.77
N GLU A 758 -1.36 -20.42 11.74
CA GLU A 758 -2.81 -20.31 11.82
C GLU A 758 -3.38 -21.24 12.90
N LYS A 759 -2.90 -22.49 12.93
CA LYS A 759 -3.31 -23.44 13.96
C LYS A 759 -2.89 -22.92 15.34
N MET A 760 -1.68 -22.37 15.42
CA MET A 760 -1.16 -21.82 16.68
C MET A 760 -2.00 -20.65 17.16
N MET A 761 -2.41 -19.77 16.24
CA MET A 761 -3.25 -18.63 16.61
C MET A 761 -4.61 -19.09 17.10
N ASN A 762 -5.20 -20.10 16.45
CA ASN A 762 -6.49 -20.60 16.91
C ASN A 762 -6.38 -21.22 18.30
N ASP A 763 -5.30 -21.97 18.56
CA ASP A 763 -5.09 -22.54 19.88
C ASP A 763 -4.88 -21.45 20.93
N SER A 764 -4.15 -20.38 20.59
CA SER A 764 -3.95 -19.29 21.53
C SER A 764 -5.26 -18.54 21.79
N ILE A 765 -6.11 -18.40 20.78
CA ILE A 765 -7.41 -17.78 20.97
C ILE A 765 -8.27 -18.60 21.92
N LEU A 766 -8.26 -19.94 21.76
CA LEU A 766 -9.00 -20.79 22.68
C LEU A 766 -8.45 -20.72 24.10
N ARG A 767 -7.12 -20.65 24.23
CA ARG A 767 -6.50 -20.52 25.55
C ARG A 767 -6.88 -19.21 26.22
N LEU A 768 -6.91 -18.11 25.46
CA LEU A 768 -7.31 -16.83 26.03
C LEU A 768 -8.80 -16.82 26.38
N GLN A 769 -9.62 -17.53 25.61
CA GLN A 769 -11.03 -17.64 25.94
C GLN A 769 -11.25 -18.49 27.19
N THR A 770 -10.32 -19.39 27.50
CA THR A 770 -10.42 -20.18 28.72
C THR A 770 -10.30 -19.29 29.96
N TRP A 771 -9.46 -18.24 29.89
CA TRP A 771 -9.16 -17.38 31.02
C TRP A 771 -10.40 -16.62 31.50
N ASP A 772 -10.27 -16.03 32.68
CA ASP A 772 -11.33 -15.25 33.29
C ASP A 772 -11.16 -13.77 32.93
N GLU A 773 -12.00 -12.91 33.52
CA GLU A 773 -11.99 -11.49 33.19
C GLU A 773 -10.94 -10.70 33.94
N ALA A 774 -10.53 -11.16 35.13
CA ALA A 774 -9.66 -10.35 35.98
C ALA A 774 -8.23 -10.34 35.45
N VAL A 775 -7.58 -11.51 35.44
CA VAL A 775 -6.15 -11.61 35.13
C VAL A 775 -5.86 -11.09 33.73
N PHE A 776 -6.78 -11.31 32.80
CA PHE A 776 -6.67 -10.74 31.46
C PHE A 776 -6.69 -9.22 31.53
N ARG A 777 -7.51 -8.67 32.44
CA ARG A 777 -7.62 -7.22 32.56
C ARG A 777 -6.34 -6.59 33.12
N GLU A 778 -5.77 -7.15 34.20
CA GLU A 778 -4.53 -6.51 34.65
C GLU A 778 -3.35 -6.82 33.73
N LYS A 779 -3.38 -7.94 33.01
CA LYS A 779 -2.34 -8.22 32.03
C LYS A 779 -2.35 -7.18 30.92
N ILE A 780 -3.53 -6.94 30.33
CA ILE A 780 -3.61 -5.95 29.26
C ILE A 780 -3.33 -4.55 29.80
N LEU A 781 -3.73 -4.26 31.06
CA LEU A 781 -3.46 -2.94 31.63
C LEU A 781 -1.96 -2.71 31.80
N HIS A 782 -1.24 -3.72 32.30
CA HIS A 782 0.21 -3.61 32.42
C HIS A 782 0.87 -3.43 31.06
N ILE A 783 0.43 -4.18 30.06
CA ILE A 783 1.12 -4.11 28.77
C ILE A 783 0.78 -2.82 28.03
N GLN A 784 -0.42 -2.25 28.25
CA GLN A 784 -0.67 -0.97 27.59
C GLN A 784 -0.06 0.18 28.36
N THR A 785 0.15 0.02 29.67
CA THR A 785 0.93 1.00 30.41
C THR A 785 2.37 1.02 29.91
N HIS A 786 2.94 -0.16 29.65
CA HIS A 786 4.27 -0.23 29.06
C HIS A 786 4.30 0.38 27.66
N GLU A 787 3.26 0.11 26.86
CA GLU A 787 3.18 0.67 25.52
C GLU A 787 3.07 2.19 25.54
N LYS A 788 2.29 2.72 26.49
CA LYS A 788 2.20 4.18 26.66
C LYS A 788 3.54 4.75 27.09
N PHE A 789 4.27 4.02 27.95
CA PHE A 789 5.58 4.48 28.40
C PHE A 789 6.57 4.57 27.24
N ILE A 790 6.63 3.55 26.39
CA ILE A 790 7.60 3.59 25.29
C ILE A 790 7.15 4.60 24.24
N ARG A 791 5.82 4.73 24.03
CA ARG A 791 5.31 5.68 23.05
C ARG A 791 5.59 7.12 23.45
N ASP A 792 5.35 7.47 24.72
CA ASP A 792 5.63 8.82 25.18
C ASP A 792 7.12 9.04 25.38
N SER A 793 7.89 7.97 25.59
CA SER A 793 9.33 8.10 25.67
C SER A 793 9.95 8.33 24.30
N GLN A 794 9.45 7.63 23.28
CA GLN A 794 9.97 7.76 21.92
C GLN A 794 9.29 8.95 21.25
N GLU A 795 9.66 10.15 21.71
CA GLU A 795 9.21 11.40 21.11
C GLU A 795 10.42 12.15 20.58
N LYS A 796 10.32 12.65 19.37
CA LYS A 796 11.42 13.41 18.81
C LYS A 796 11.27 14.88 19.22
N PRO A 797 12.37 15.55 19.56
CA PRO A 797 12.30 17.01 19.81
C PRO A 797 12.15 17.79 18.51
N LYS A 798 12.14 19.11 18.59
CA LYS A 798 12.05 19.93 17.40
C LYS A 798 13.43 20.01 16.73
N PRO A 799 13.54 19.69 15.44
CA PRO A 799 14.80 19.94 14.73
C PRO A 799 15.13 21.42 14.74
N VAL A 800 16.41 21.74 14.92
CA VAL A 800 16.86 23.12 14.88
C VAL A 800 16.87 23.57 13.43
N PRO A 801 16.11 24.61 13.06
CA PRO A 801 16.09 25.05 11.67
C PRO A 801 17.40 25.76 11.31
N ASP A 802 17.93 25.41 10.14
CA ASP A 802 19.17 26.01 9.67
C ASP A 802 18.97 27.47 9.30
N LYS A 803 20.02 28.27 9.47
CA LYS A 803 20.00 29.68 9.13
C LYS A 803 20.64 29.96 7.78
N GLU A 804 20.95 28.92 7.01
CA GLU A 804 21.51 29.08 5.67
C GLU A 804 20.42 28.86 4.62
N ASN A 805 20.60 29.50 3.47
CA ASN A 805 19.65 29.41 2.37
C ASN A 805 20.14 28.34 1.40
N LYS A 806 19.88 27.08 1.74
CA LYS A 806 20.17 25.98 0.86
C LYS A 806 19.14 25.89 -0.26
N LYS A 807 19.55 25.32 -1.38
CA LYS A 807 18.75 25.27 -2.60
C LYS A 807 18.55 23.83 -3.05
N LEU A 808 17.68 23.68 -4.05
CA LEU A 808 17.36 22.38 -4.63
C LEU A 808 17.75 22.34 -6.10
N LEU A 809 18.11 21.15 -6.57
CA LEU A 809 18.47 20.92 -7.96
C LEU A 809 17.75 19.67 -8.45
N CYS A 810 17.52 19.62 -9.76
CA CYS A 810 16.85 18.47 -10.36
C CYS A 810 17.71 17.22 -10.25
N ARG A 811 17.05 16.07 -10.29
CA ARG A 811 17.74 14.80 -10.08
C ARG A 811 18.65 14.47 -11.25
N LYS A 812 18.09 14.31 -12.44
CA LYS A 812 18.84 13.90 -13.63
C LYS A 812 19.43 15.08 -14.38
N CYS A 813 19.18 16.30 -13.95
CA CYS A 813 19.61 17.48 -14.68
C CYS A 813 20.62 18.34 -13.94
N LYS A 814 20.53 18.40 -12.60
CA LYS A 814 21.43 19.18 -11.74
C LYS A 814 21.45 20.66 -12.12
N ALA A 815 20.28 21.18 -12.46
CA ALA A 815 20.09 22.60 -12.72
C ALA A 815 19.38 23.25 -11.54
N LEU A 816 19.59 24.55 -11.37
CA LEU A 816 19.02 25.26 -10.23
C LEU A 816 17.51 25.35 -10.37
N ALA A 817 16.79 24.83 -9.38
CA ALA A 817 15.34 24.86 -9.37
C ALA A 817 14.79 26.01 -8.53
N CYS A 818 15.08 26.01 -7.24
CA CYS A 818 14.58 27.02 -6.30
C CYS A 818 15.34 26.92 -5.00
N TYR A 819 15.48 28.06 -4.33
CA TYR A 819 16.03 28.08 -2.99
C TYR A 819 14.93 27.72 -1.99
N THR A 820 15.36 27.33 -0.79
CA THR A 820 14.38 27.02 0.26
C THR A 820 13.75 28.27 0.85
N ALA A 821 14.33 29.45 0.60
CA ALA A 821 13.72 30.69 1.07
C ALA A 821 12.44 31.02 0.32
N ASP A 822 12.25 30.46 -0.87
CA ASP A 822 11.03 30.66 -1.66
C ASP A 822 10.09 29.47 -1.57
N VAL A 823 10.29 28.58 -0.60
CA VAL A 823 9.46 27.40 -0.42
C VAL A 823 8.50 27.64 0.73
N ARG A 824 7.20 27.50 0.45
CA ARG A 824 6.16 27.70 1.44
C ARG A 824 5.39 26.40 1.63
N VAL A 825 5.05 26.10 2.88
CA VAL A 825 4.40 24.86 3.27
C VAL A 825 2.94 25.17 3.59
N ILE A 826 2.03 24.36 3.05
CA ILE A 826 0.61 24.69 3.07
C ILE A 826 -0.08 24.19 4.33
N GLU A 827 -0.13 22.87 4.52
CA GLU A 827 -0.84 22.26 5.63
C GLU A 827 0.07 21.33 6.41
N GLU A 828 1.33 21.74 6.59
CA GLU A 828 2.39 20.99 7.27
C GLU A 828 2.73 19.65 6.59
N CYS A 829 2.17 19.39 5.41
CA CYS A 829 2.48 18.20 4.64
C CYS A 829 2.91 18.53 3.21
N HIS A 830 2.27 19.50 2.56
CA HIS A 830 2.54 19.84 1.18
C HIS A 830 3.42 21.07 1.12
N TYR A 831 4.32 21.09 0.13
CA TYR A 831 5.27 22.17 -0.05
C TYR A 831 5.17 22.68 -1.48
N THR A 832 5.43 23.97 -1.66
CA THR A 832 5.35 24.58 -2.99
C THR A 832 6.31 25.76 -3.05
N VAL A 833 6.40 26.37 -4.23
CA VAL A 833 7.27 27.51 -4.48
C VAL A 833 6.38 28.69 -4.88
N LEU A 834 6.68 29.87 -4.32
CA LEU A 834 5.88 31.06 -4.56
C LEU A 834 6.57 32.09 -5.45
N GLY A 835 7.81 31.84 -5.86
CA GLY A 835 8.49 32.78 -6.73
C GLY A 835 8.00 32.67 -8.16
N ASP A 836 8.00 33.81 -8.86
CA ASP A 836 7.60 33.82 -10.26
C ASP A 836 8.74 33.41 -11.20
N ALA A 837 9.98 33.41 -10.71
CA ALA A 837 11.08 32.85 -11.49
C ALA A 837 10.94 31.33 -11.61
N PHE A 838 10.42 30.68 -10.57
CA PHE A 838 10.16 29.26 -10.61
C PHE A 838 9.04 28.90 -11.59
N LYS A 839 8.15 29.85 -11.89
CA LYS A 839 6.98 29.53 -12.71
C LYS A 839 7.35 29.18 -14.14
N GLU A 840 8.47 29.71 -14.62
CA GLU A 840 8.94 29.41 -15.96
C GLU A 840 9.95 28.26 -15.99
N CYS A 841 10.30 27.70 -14.83
CA CYS A 841 11.30 26.64 -14.78
C CYS A 841 10.73 25.25 -15.02
N PHE A 842 9.41 25.11 -15.09
CA PHE A 842 8.79 23.82 -15.33
C PHE A 842 7.82 23.93 -16.51
N VAL A 843 7.22 22.79 -16.87
CA VAL A 843 6.19 22.73 -17.89
C VAL A 843 5.08 21.84 -17.36
N SER A 844 3.88 22.02 -17.90
CA SER A 844 2.71 21.28 -17.44
C SER A 844 2.37 20.17 -18.41
N ARG A 845 2.04 18.99 -17.85
CA ARG A 845 1.62 17.83 -18.63
C ARG A 845 0.36 17.32 -17.97
N PRO A 846 -0.73 17.15 -18.72
CA PRO A 846 -2.02 16.80 -18.11
C PRO A 846 -1.98 15.45 -17.41
N HIS A 847 -2.55 15.42 -16.20
CA HIS A 847 -2.49 14.23 -15.37
C HIS A 847 -3.40 13.15 -15.93
N PRO A 848 -2.94 11.89 -16.00
CA PRO A 848 -3.83 10.81 -16.48
C PRO A 848 -4.95 10.48 -15.51
N LYS A 849 -4.70 10.53 -14.20
CA LYS A 849 -5.70 10.19 -13.18
C LYS A 849 -5.76 11.31 -12.14
N PRO A 850 -6.51 12.38 -12.42
CA PRO A 850 -6.67 13.45 -11.43
C PRO A 850 -7.88 13.25 -10.52
N LYS A 851 -7.70 13.58 -9.25
CA LYS A 851 -8.74 13.44 -8.24
C LYS A 851 -8.41 14.32 -7.05
N GLN A 852 -9.39 15.09 -6.59
CA GLN A 852 -9.19 15.96 -5.44
C GLN A 852 -9.16 15.16 -4.14
N PHE A 853 -8.41 15.68 -3.16
CA PHE A 853 -8.40 15.10 -1.81
C PHE A 853 -8.59 16.22 -0.78
N SER A 854 -9.83 16.68 -0.64
CA SER A 854 -10.35 17.44 0.50
C SER A 854 -9.67 18.78 0.77
N SER A 855 -8.60 19.11 0.08
CA SER A 855 -7.93 20.39 0.27
C SER A 855 -7.61 21.11 -1.03
N PHE A 856 -7.20 20.38 -2.06
CA PHE A 856 -6.88 20.95 -3.36
C PHE A 856 -7.65 20.24 -4.44
N GLU A 857 -7.34 20.54 -5.71
CA GLU A 857 -7.76 19.69 -6.82
C GLU A 857 -6.61 19.64 -7.82
N LYS A 858 -6.34 18.43 -8.32
CA LYS A 858 -5.20 18.16 -9.19
C LYS A 858 -5.57 18.43 -10.63
N ARG A 859 -4.73 19.20 -11.33
CA ARG A 859 -4.96 19.48 -12.75
C ARG A 859 -3.94 18.79 -13.64
N ALA A 860 -2.66 18.90 -13.30
CA ALA A 860 -1.59 18.42 -14.16
C ALA A 860 -0.35 18.18 -13.33
N LYS A 861 0.57 17.40 -13.89
CA LYS A 861 1.89 17.23 -13.30
C LYS A 861 2.84 18.27 -13.90
N ILE A 862 3.87 18.61 -13.13
CA ILE A 862 4.89 19.54 -13.58
C ILE A 862 6.15 18.74 -13.89
N PHE A 863 6.82 19.09 -14.98
CA PHE A 863 8.03 18.41 -15.42
C PHE A 863 9.13 19.44 -15.60
N CYS A 864 10.38 19.00 -15.43
CA CYS A 864 11.53 19.88 -15.56
C CYS A 864 11.67 20.39 -16.99
N ALA A 865 11.45 21.69 -17.18
CA ALA A 865 11.52 22.30 -18.51
C ALA A 865 12.97 22.61 -18.81
N ARG A 866 13.64 21.67 -19.46
CA ARG A 866 15.01 21.84 -19.92
C ARG A 866 15.10 21.23 -21.32
N GLN A 867 16.33 20.98 -21.75
CA GLN A 867 16.55 20.42 -23.09
C GLN A 867 15.97 19.02 -23.20
N ASN A 868 16.44 18.10 -22.35
CA ASN A 868 15.98 16.72 -22.40
C ASN A 868 15.81 16.20 -20.98
N CYS A 869 15.29 17.03 -20.08
CA CYS A 869 15.15 16.61 -18.69
C CYS A 869 13.88 15.78 -18.48
N SER A 870 12.72 16.43 -18.61
CA SER A 870 11.39 15.80 -18.52
C SER A 870 11.24 14.95 -17.26
N HIS A 871 11.72 15.46 -16.14
CA HIS A 871 11.75 14.73 -14.89
C HIS A 871 10.54 15.10 -14.04
N ASP A 872 10.02 14.12 -13.30
CA ASP A 872 8.79 14.26 -12.52
C ASP A 872 9.08 15.11 -11.29
N TRP A 873 8.81 16.41 -11.38
CA TRP A 873 9.06 17.32 -10.27
C TRP A 873 7.96 17.30 -9.22
N GLY A 874 6.69 17.34 -9.64
CA GLY A 874 5.59 17.43 -8.71
C GLY A 874 4.24 17.40 -9.40
N ILE A 875 3.32 18.26 -8.97
CA ILE A 875 1.96 18.24 -9.49
C ILE A 875 1.34 19.62 -9.29
N HIS A 876 0.53 20.04 -10.25
CA HIS A 876 -0.09 21.35 -10.27
C HIS A 876 -1.53 21.21 -9.76
N VAL A 877 -1.88 22.00 -8.75
CA VAL A 877 -3.18 21.91 -8.10
C VAL A 877 -3.75 23.31 -7.93
N LYS A 878 -5.00 23.39 -7.46
CA LYS A 878 -5.47 24.64 -6.86
C LYS A 878 -5.92 24.35 -5.43
N TYR A 879 -5.48 25.20 -4.50
CA TYR A 879 -5.88 25.10 -3.10
C TYR A 879 -7.24 25.76 -2.86
N LYS A 880 -7.31 27.08 -3.04
CA LYS A 880 -8.56 27.81 -2.90
C LYS A 880 -8.92 28.54 -4.19
N THR A 881 -8.05 29.42 -4.67
CA THR A 881 -8.30 30.16 -5.91
C THR A 881 -7.06 30.14 -6.79
N PHE A 882 -5.88 30.08 -6.18
CA PHE A 882 -4.63 30.20 -6.89
C PHE A 882 -4.18 28.87 -7.45
N GLU A 883 -3.37 28.92 -8.49
CA GLU A 883 -2.75 27.74 -9.08
C GLU A 883 -1.36 27.59 -8.47
N ILE A 884 -1.08 26.41 -7.91
CA ILE A 884 0.18 26.19 -7.21
C ILE A 884 0.82 24.87 -7.63
N PRO A 885 2.10 24.92 -8.03
CA PRO A 885 2.84 23.69 -8.38
C PRO A 885 3.49 23.04 -7.17
N VAL A 886 2.76 22.20 -6.44
CA VAL A 886 3.34 21.58 -5.24
C VAL A 886 4.32 20.48 -5.66
N ILE A 887 5.50 20.50 -5.06
CA ILE A 887 6.61 19.67 -5.49
C ILE A 887 6.85 18.58 -4.46
N LYS A 888 7.69 17.61 -4.82
CA LYS A 888 8.11 16.55 -3.90
C LYS A 888 9.63 16.53 -3.83
N ILE A 889 10.17 16.45 -2.62
CA ILE A 889 11.61 16.37 -2.43
C ILE A 889 12.17 15.00 -2.78
N GLU A 890 11.32 14.02 -3.09
CA GLU A 890 11.79 12.71 -3.52
C GLU A 890 12.58 12.82 -4.82
N SER A 891 12.09 13.61 -5.76
CA SER A 891 12.80 13.86 -7.02
C SER A 891 13.53 15.20 -6.98
N PHE A 892 14.50 15.30 -6.06
CA PHE A 892 15.31 16.50 -5.93
C PHE A 892 16.60 16.12 -5.23
N VAL A 893 17.60 17.00 -5.34
CA VAL A 893 18.83 16.90 -4.56
C VAL A 893 19.10 18.28 -3.94
N VAL A 894 19.32 18.30 -2.64
CA VAL A 894 19.42 19.55 -1.90
C VAL A 894 20.89 19.83 -1.59
N GLU A 895 21.35 21.03 -1.91
CA GLU A 895 22.72 21.43 -1.64
C GLU A 895 22.72 22.75 -0.87
N ASP A 896 23.77 22.97 -0.10
CA ASP A 896 23.95 24.20 0.65
C ASP A 896 24.93 25.08 -0.13
N ILE A 897 24.66 26.38 -0.12
CA ILE A 897 25.51 27.31 -0.87
C ILE A 897 26.86 27.50 -0.17
N ALA A 898 26.94 27.26 1.14
CA ALA A 898 28.16 27.52 1.87
C ALA A 898 29.17 26.37 1.74
N THR A 899 28.81 25.19 2.26
CA THR A 899 29.77 24.09 2.30
C THR A 899 29.83 23.31 0.99
N GLY A 900 28.85 23.47 0.11
CA GLY A 900 28.93 22.89 -1.21
C GLY A 900 28.70 21.40 -1.29
N VAL A 901 28.10 20.78 -0.28
CA VAL A 901 27.79 19.35 -0.33
C VAL A 901 26.36 19.17 -0.83
N GLN A 902 26.15 18.12 -1.62
CA GLN A 902 24.82 17.80 -2.15
C GLN A 902 24.34 16.55 -1.42
N THR A 903 23.67 16.74 -0.30
CA THR A 903 23.05 15.63 0.40
C THR A 903 21.73 15.26 -0.27
N LEU A 904 21.24 14.08 0.07
CA LEU A 904 20.06 13.52 -0.57
C LEU A 904 19.03 13.12 0.47
N TYR A 905 17.78 13.54 0.28
CA TYR A 905 16.69 13.17 1.16
C TYR A 905 15.61 12.48 0.34
N SER A 906 14.80 11.66 1.03
CA SER A 906 13.76 10.87 0.38
C SER A 906 12.35 11.33 0.73
N LYS A 907 12.13 11.82 1.94
CA LYS A 907 10.83 12.30 2.37
C LYS A 907 10.97 13.68 3.00
N TRP A 908 9.83 14.36 3.14
CA TRP A 908 9.84 15.75 3.59
C TRP A 908 10.18 15.86 5.08
N LYS A 909 9.75 14.89 5.89
CA LYS A 909 9.95 14.98 7.33
C LYS A 909 11.42 14.91 7.70
N ASP A 910 12.20 14.11 6.95
CA ASP A 910 13.64 14.05 7.19
C ASP A 910 14.32 15.36 6.86
N PHE A 911 13.78 16.10 5.87
CA PHE A 911 14.34 17.39 5.50
C PHE A 911 13.99 18.41 6.58
N HIS A 912 15.00 19.05 7.15
CA HIS A 912 14.82 20.00 8.25
C HIS A 912 15.30 21.37 7.79
N PHE A 913 14.41 22.35 7.81
CA PHE A 913 14.72 23.72 7.40
C PHE A 913 13.65 24.64 7.97
N GLU A 914 13.80 25.94 7.67
CA GLU A 914 12.87 26.96 8.15
C GLU A 914 11.58 26.85 7.33
N LYS A 915 10.65 26.04 7.82
CA LYS A 915 9.38 25.80 7.12
C LYS A 915 8.47 26.99 7.34
N ILE A 916 8.64 28.01 6.50
CA ILE A 916 7.80 29.20 6.60
C ILE A 916 6.40 28.88 6.07
N PRO A 917 5.35 29.14 6.83
CA PRO A 917 4.00 28.79 6.37
C PRO A 917 3.57 29.63 5.19
N PHE A 918 2.65 29.06 4.40
CA PHE A 918 2.17 29.69 3.18
C PHE A 918 1.09 30.71 3.52
N ASP A 919 1.33 31.97 3.15
CA ASP A 919 0.39 33.05 3.41
C ASP A 919 -0.27 33.48 2.11
N PRO A 920 -1.59 33.39 1.99
CA PRO A 920 -2.26 33.81 0.75
C PRO A 920 -2.17 35.30 0.48
N ALA A 921 -1.81 36.11 1.48
CA ALA A 921 -1.72 37.55 1.28
C ALA A 921 -0.61 37.95 0.32
N GLU A 922 0.41 37.10 0.18
CA GLU A 922 1.50 37.41 -0.74
C GLU A 922 1.05 37.26 -2.19
N MET A 923 0.68 36.04 -2.58
CA MET A 923 0.18 35.75 -3.92
C MET A 923 -0.82 34.61 -3.89
#